data_8VKE
#
_entry.id   8VKE
#
_cell.length_a   1.00
_cell.length_b   1.00
_cell.length_c   1.00
_cell.angle_alpha   90.00
_cell.angle_beta   90.00
_cell.angle_gamma   90.00
#
_symmetry.space_group_name_H-M   'P 1'
#
loop_
_entity.id
_entity.type
_entity.pdbx_description
1 polymer 'SC27 Fab heavy chain'
2 polymer 'SC27 Fab light chain'
3 polymer 'Spike glycoprotein'
4 non-polymer 2-acetamido-2-deoxy-beta-D-glucopyranose
#
loop_
_entity_poly.entity_id
_entity_poly.type
_entity_poly.pdbx_seq_one_letter_code
_entity_poly.pdbx_strand_id
1 'polypeptide(L)'
;MRPTWAWWLFLVLLLALWAPARGQVTLKESGPVLLKPTETLTLTCTVSGFSLSNVGMGVSWIRQPPGKALEWLADIFSND
EKSYSTSLKSRLTISRDTSKSQVVLSMTNMDPVDTATYYCARLANYDFWSGYSRFSAQFDNWGQGTLVTVSSASTKGPSV
FPLAPSSKSTSGGTAALGCLVKDYFPEPVTVSWNSGALTSGVHTFPAVLQSSGLYSLSSVVTVPSSSLGTQTYICNVNHK
PSNTKVDKKVEPKSCD
;
H,A
2 'polypeptide(L)'
;MGWSCIILFLVATATGVHSQSVLTQPPSVSGAPGQRVTISCTGSSSNIGAGYDVHWYQQLPGTAPKLLIYDNNNRPSGVP
DRFSGSKSGTSASLAITGLQAEDEADYYCQSFDSSSLTGSRVFGGGTKLTVLGQPKAAPSVTLFPPSSEELQANKATLVC
LISDFYPGAVTVAWKADSSPVKAGVETTTPSKQSNNKYAASSYLSLTPEQWKSHRSYSCQVTHEGSTVEKTVAPTECS
;
L,B
3 'polypeptide(L)'
;METDTLLLWVLLLWVPGSTGDMFVFLVLLPLVSSQCVNLTTRTQLPPAYTNSFTRGVYYPDKVFRSSVLHSTQDLFLPFF
SNVTWFHVISGTNGTKRFDNPVLPFNDGVYFASIEKSNIIRGWIFGTTLDSKTQSLLIVNNATNVVIKVCEFQFCNDPFL
DHKNNKSWMESEFRVYSSANNCTFEYVSQPFLMDLEGKQGNFKNLREFVFKNIDGYFKIYSKHTPIIVREPEDLPQGFSA
LEPLVDLPIGINITRFQTLLALHRSYLTPGDSSSGWTAGAAAYYVGYLQPRTFLLKYNENGTITDAVDCALDPLSETKCT
LKSFTVEKGIYQTSNFRVQPTESIVRFPNITNLCPFDEVFNATRFASVYAWNRKRISNCVADYSVLYNLAPFFTFKCYGV
SPTKLNDLCFTNVYADSFVIRGDEVRQIAPGQTGNIADYNYKLPDDFTGCVIAWNSNKLDSKVSGNYNYLYRLFRKSNLK
PFERDISTEIYQAGNKPCNGVAGFNCYFPLRSYSFRPTYGVGHQPYRVVVLSFELLHAPATVCGPKKSTNLVKNKCVNFN
FNGLKGTGVLTESNKKFLPFQQFGRDIADTTDAVRDPQTLEILDITPCSFGGVSVITPGTNTSNQVAVLYQGVNCTEVPV
AIHADQLTPTWRVYSTGSNVFQTRAGCLIGAEYVNNSYECDIPIGAGICASYQTQTKSHGSASSVASQSIIAYTMSLGAE
NSVAYSNNSIAIPTNFTISVTTEILPVSMTKTSVDCTMYICGDSTECSNLLLQYGSFCTQLKRALTGIAVEQDKNTQEVF
AQVKQIYKTPPIKYFGGFNFSQILPDPSKPSKRSPIEDLLFNKVTLADAGFIKQYGDCLGDIAARDLICAQKFKGLTVLP
PLLTDEMIAQYTSALLAGTITSGWTFGAGPALQIPFPMQMAYRFNGIGVTQNVLYENQKLIANQFNSAIGKIQDSLSSTP
SALGKLQDVVNHNAQALNTLVKQLSSKFGAISSVLNDIFSRLDPPEAEVQIDRLITGRLQSLQTYVTQQLIRAAEIRASA
NLAATKMSECVLGQSKRVDFCGKGYHLMSFPQSAPHGVVFLHVTYVPAQEKNFTTAPAICHDGKAHFPREGVFVSNGTHW
FVTQRNFYEPQIITTDNTFVSGNCDVVIGIVNNTVYDPLQPELDSFKEELDKYFKNHTSPDVDLGDISGINASVVNIQKE
IDRLNEVAKNLNESLIDLQELGKYEQGSGYIPEAPRDGQAYVRKDGEWVLLSTFLGRSLEVLFQGPGHHHHHHHHSAWSH
PQFEKGGGSGGGGSGGSAWSHPQFEK
;
R,C
#
# COMPACT_ATOMS: atom_id res chain seq x y z
N VAL A 25 38.65 10.11 6.66
CA VAL A 25 37.58 9.14 6.85
C VAL A 25 37.99 7.78 6.31
N THR A 26 37.87 6.75 7.14
CA THR A 26 38.26 5.40 6.75
C THR A 26 37.36 4.41 7.46
N LEU A 27 36.81 3.46 6.70
CA LEU A 27 35.98 2.40 7.23
C LEU A 27 36.55 1.06 6.81
N LYS A 28 36.70 0.15 7.77
CA LYS A 28 37.28 -1.17 7.52
C LYS A 28 36.39 -2.24 8.11
N GLU A 29 36.09 -3.26 7.30
CA GLU A 29 35.29 -4.38 7.77
C GLU A 29 36.19 -5.46 8.37
N SER A 30 35.55 -6.46 8.98
CA SER A 30 36.28 -7.60 9.50
C SER A 30 36.77 -8.48 8.36
N GLY A 31 37.63 -9.44 8.70
CA GLY A 31 38.20 -10.32 7.71
C GLY A 31 37.18 -11.26 7.09
N PRO A 32 37.53 -11.83 5.94
CA PRO A 32 36.62 -12.79 5.30
C PRO A 32 36.41 -14.02 6.15
N VAL A 33 35.22 -14.60 6.05
CA VAL A 33 34.82 -15.72 6.90
C VAL A 33 33.97 -16.69 6.09
N LEU A 34 34.15 -17.98 6.36
CA LEU A 34 33.36 -19.04 5.75
C LEU A 34 32.46 -19.65 6.81
N LEU A 35 31.20 -19.87 6.47
CA LEU A 35 30.21 -20.34 7.41
C LEU A 35 29.40 -21.48 6.83
N LYS A 36 28.93 -22.37 7.71
CA LYS A 36 28.00 -23.40 7.31
C LYS A 36 26.61 -22.80 7.09
N PRO A 37 25.77 -23.46 6.30
CA PRO A 37 24.38 -22.99 6.16
C PRO A 37 23.65 -23.05 7.49
N THR A 38 22.67 -22.16 7.64
CA THR A 38 21.81 -21.97 8.81
C THR A 38 22.56 -21.32 9.97
N GLU A 39 23.87 -21.11 9.85
CA GLU A 39 24.65 -20.46 10.89
C GLU A 39 24.27 -18.99 11.00
N THR A 40 24.88 -18.32 11.98
CA THR A 40 24.66 -16.89 12.22
C THR A 40 25.96 -16.13 11.95
N LEU A 41 25.91 -15.21 11.01
CA LEU A 41 27.09 -14.40 10.67
C LEU A 41 27.14 -13.14 11.53
N THR A 42 28.37 -12.70 11.81
CA THR A 42 28.58 -11.46 12.54
C THR A 42 29.72 -10.70 11.87
N LEU A 43 29.46 -9.45 11.50
CA LEU A 43 30.44 -8.59 10.85
C LEU A 43 30.56 -7.29 11.62
N THR A 44 31.78 -6.77 11.70
CA THR A 44 32.08 -5.58 12.47
C THR A 44 32.81 -4.56 11.60
N CYS A 45 32.41 -3.31 11.71
CA CYS A 45 33.05 -2.19 11.02
C CYS A 45 33.75 -1.30 12.04
N THR A 46 34.99 -0.93 11.75
CA THR A 46 35.73 0.03 12.55
C THR A 46 35.89 1.31 11.74
N VAL A 47 35.44 2.44 12.31
CA VAL A 47 35.44 3.71 11.60
C VAL A 47 36.49 4.61 12.21
N SER A 48 36.97 5.56 11.39
CA SER A 48 37.96 6.54 11.84
C SER A 48 37.76 7.81 11.05
N GLY A 49 38.24 8.92 11.62
CA GLY A 49 38.07 10.22 11.02
C GLY A 49 36.77 10.92 11.37
N PHE A 50 35.81 10.21 11.97
CA PHE A 50 34.56 10.81 12.41
C PHE A 50 34.03 10.01 13.59
N SER A 51 33.18 10.66 14.39
CA SER A 51 32.59 10.05 15.57
C SER A 51 31.15 9.66 15.28
N LEU A 52 30.77 8.46 15.73
CA LEU A 52 29.38 8.03 15.57
C LEU A 52 28.41 8.93 16.32
N SER A 53 28.86 9.64 17.35
CA SER A 53 28.01 10.54 18.09
C SER A 53 27.63 11.77 17.29
N ASN A 54 28.28 12.02 16.16
CA ASN A 54 27.92 13.14 15.31
C ASN A 54 26.55 12.87 14.68
N VAL A 55 25.67 13.86 14.76
CA VAL A 55 24.30 13.67 14.30
C VAL A 55 24.19 13.72 12.78
N GLY A 56 25.22 14.24 12.10
CA GLY A 56 25.13 14.47 10.67
C GLY A 56 25.38 13.25 9.82
N MET A 57 25.75 12.12 10.41
CA MET A 57 26.08 10.95 9.59
C MET A 57 25.78 9.67 10.36
N GLY A 58 25.61 8.58 9.60
CA GLY A 58 25.45 7.25 10.15
C GLY A 58 26.25 6.24 9.37
N VAL A 59 26.06 4.97 9.71
CA VAL A 59 26.77 3.88 9.07
C VAL A 59 25.75 2.86 8.56
N SER A 60 26.00 2.39 7.34
CA SER A 60 25.09 1.45 6.69
C SER A 60 25.90 0.31 6.08
N TRP A 61 25.23 -0.82 5.87
CA TRP A 61 25.84 -2.02 5.32
C TRP A 61 25.19 -2.39 3.99
N ILE A 62 26.01 -2.69 3.00
CA ILE A 62 25.56 -3.06 1.66
C ILE A 62 26.28 -4.35 1.26
N ARG A 63 25.54 -5.26 0.62
CA ARG A 63 26.10 -6.51 0.13
C ARG A 63 25.92 -6.61 -1.37
N GLN A 64 26.86 -7.31 -2.01
CA GLN A 64 26.86 -7.47 -3.46
C GLN A 64 27.21 -8.91 -3.81
N PRO A 65 26.27 -9.68 -4.35
CA PRO A 65 26.61 -11.03 -4.80
C PRO A 65 27.60 -10.96 -5.94
N PRO A 66 28.45 -11.98 -6.08
CA PRO A 66 29.48 -11.95 -7.14
C PRO A 66 28.85 -11.80 -8.52
N GLY A 67 29.21 -10.71 -9.19
CA GLY A 67 28.69 -10.45 -10.51
C GLY A 67 27.25 -9.98 -10.57
N LYS A 68 26.72 -9.45 -9.48
CA LYS A 68 25.34 -9.00 -9.41
C LYS A 68 25.28 -7.58 -8.86
N ALA A 69 24.06 -7.06 -8.73
CA ALA A 69 23.85 -5.67 -8.34
C ALA A 69 23.97 -5.51 -6.83
N LEU A 70 24.15 -4.26 -6.40
CA LEU A 70 24.28 -3.96 -4.98
C LEU A 70 22.94 -4.11 -4.28
N GLU A 71 22.99 -4.37 -2.98
CA GLU A 71 21.79 -4.53 -2.16
C GLU A 71 22.03 -3.93 -0.79
N TRP A 72 21.26 -2.89 -0.46
CA TRP A 72 21.36 -2.27 0.85
C TRP A 72 20.74 -3.18 1.92
N LEU A 73 21.41 -3.27 3.07
CA LEU A 73 20.99 -4.18 4.12
C LEU A 73 20.48 -3.48 5.37
N ALA A 74 21.30 -2.65 6.00
CA ALA A 74 20.96 -2.12 7.31
C ALA A 74 21.43 -0.68 7.42
N ASP A 75 21.05 -0.04 8.53
CA ASP A 75 21.31 1.39 8.70
C ASP A 75 21.19 1.72 10.18
N ILE A 76 22.15 2.48 10.70
CA ILE A 76 22.17 2.91 12.10
C ILE A 76 22.70 4.33 12.15
N PHE A 77 22.24 5.10 13.13
CA PHE A 77 22.56 6.52 13.22
C PHE A 77 23.09 6.87 14.61
N SER A 78 23.26 8.17 14.83
CA SER A 78 23.88 8.66 16.06
C SER A 78 23.05 8.35 17.29
N ASN A 79 21.72 8.51 17.20
CA ASN A 79 20.83 8.31 18.33
C ASN A 79 20.23 6.90 18.36
N ASP A 80 20.94 5.91 17.81
CA ASP A 80 20.57 4.50 17.82
C ASP A 80 19.29 4.21 17.03
N GLU A 81 18.79 5.16 16.24
CA GLU A 81 17.73 4.83 15.31
C GLU A 81 18.24 3.89 14.25
N LYS A 82 17.46 2.85 13.95
CA LYS A 82 17.91 1.75 13.11
C LYS A 82 16.89 1.48 12.02
N SER A 83 17.39 1.10 10.84
CA SER A 83 16.55 0.76 9.72
C SER A 83 17.14 -0.47 9.03
N TYR A 84 16.25 -1.28 8.44
CA TYR A 84 16.65 -2.54 7.82
C TYR A 84 15.93 -2.70 6.49
N SER A 85 16.45 -3.61 5.67
CA SER A 85 15.75 -3.99 4.45
C SER A 85 14.43 -4.64 4.80
N THR A 86 13.39 -4.32 4.04
CA THR A 86 12.05 -4.81 4.36
C THR A 86 11.99 -6.33 4.27
N SER A 87 12.59 -6.92 3.23
CA SER A 87 12.52 -8.36 3.06
C SER A 87 13.44 -9.11 4.02
N LEU A 88 14.42 -8.44 4.60
CA LEU A 88 15.39 -9.08 5.50
C LEU A 88 15.36 -8.51 6.91
N LYS A 89 14.30 -7.77 7.27
CA LYS A 89 14.26 -7.14 8.58
C LYS A 89 14.26 -8.15 9.71
N SER A 90 13.64 -9.32 9.50
CA SER A 90 13.59 -10.33 10.54
C SER A 90 14.97 -10.94 10.82
N ARG A 91 15.76 -11.15 9.77
CA ARG A 91 17.05 -11.82 9.94
C ARG A 91 18.15 -10.85 10.36
N LEU A 92 18.00 -9.58 10.05
CA LEU A 92 19.04 -8.60 10.32
C LEU A 92 18.97 -8.06 11.74
N THR A 93 20.12 -7.56 12.21
CA THR A 93 20.25 -6.92 13.50
C THR A 93 21.57 -6.15 13.52
N ILE A 94 21.50 -4.88 13.92
CA ILE A 94 22.65 -3.99 13.89
C ILE A 94 22.78 -3.30 15.24
N SER A 95 24.02 -2.94 15.60
CA SER A 95 24.29 -2.26 16.86
C SER A 95 25.59 -1.47 16.69
N ARG A 96 25.79 -0.52 17.60
CA ARG A 96 26.96 0.35 17.55
C ARG A 96 27.56 0.50 18.94
N ASP A 97 28.80 0.98 18.97
CA ASP A 97 29.53 1.18 20.23
C ASP A 97 30.41 2.42 20.04
N THR A 98 29.97 3.54 20.62
CA THR A 98 30.67 4.81 20.43
C THR A 98 32.00 4.85 21.19
N SER A 99 32.12 4.10 22.29
CA SER A 99 33.35 4.17 23.08
C SER A 99 34.55 3.62 22.31
N LYS A 100 34.33 2.66 21.42
CA LYS A 100 35.41 2.04 20.66
C LYS A 100 35.21 2.17 19.15
N SER A 101 34.17 2.89 18.73
CA SER A 101 33.97 3.28 17.34
C SER A 101 33.87 2.06 16.42
N GLN A 102 32.90 1.18 16.71
CA GLN A 102 32.58 0.07 15.82
C GLN A 102 31.08 -0.17 15.76
N VAL A 103 30.64 -0.66 14.60
CA VAL A 103 29.25 -1.01 14.34
C VAL A 103 29.21 -2.50 13.99
N VAL A 104 28.32 -3.24 14.64
CA VAL A 104 28.24 -4.69 14.51
C VAL A 104 26.95 -5.04 13.76
N LEU A 105 27.08 -5.86 12.73
CA LEU A 105 25.94 -6.38 11.99
C LEU A 105 25.86 -7.89 12.16
N SER A 106 24.67 -8.40 12.43
CA SER A 106 24.46 -9.82 12.63
C SER A 106 23.27 -10.29 11.81
N MET A 107 23.45 -11.43 11.14
CA MET A 107 22.42 -12.04 10.29
C MET A 107 22.20 -13.47 10.76
N THR A 108 20.94 -13.83 10.98
CA THR A 108 20.61 -15.17 11.43
C THR A 108 20.09 -16.03 10.29
N ASN A 109 20.25 -17.34 10.44
CA ASN A 109 19.77 -18.34 9.47
C ASN A 109 20.36 -18.08 8.09
N MET A 110 21.68 -18.23 8.00
CA MET A 110 22.39 -17.97 6.76
C MET A 110 22.10 -19.05 5.73
N ASP A 111 21.81 -18.63 4.50
CA ASP A 111 21.55 -19.48 3.35
C ASP A 111 22.75 -19.47 2.40
N PRO A 112 22.91 -20.52 1.58
CA PRO A 112 24.03 -20.50 0.62
C PRO A 112 23.94 -19.35 -0.38
N VAL A 113 22.73 -18.91 -0.73
CA VAL A 113 22.56 -17.81 -1.68
C VAL A 113 23.04 -16.48 -1.11
N ASP A 114 23.24 -16.39 0.21
CA ASP A 114 23.63 -15.13 0.82
C ASP A 114 25.12 -14.83 0.68
N THR A 115 25.91 -15.73 0.11
CA THR A 115 27.32 -15.44 -0.10
C THR A 115 27.48 -14.23 -1.01
N ALA A 116 28.30 -13.26 -0.56
CA ALA A 116 28.42 -11.99 -1.24
C ALA A 116 29.54 -11.19 -0.61
N THR A 117 29.94 -10.13 -1.30
CA THR A 117 30.88 -9.16 -0.74
C THR A 117 30.11 -8.11 0.04
N TYR A 118 30.40 -8.00 1.34
CA TYR A 118 29.67 -7.11 2.23
C TYR A 118 30.45 -5.81 2.39
N TYR A 119 29.82 -4.71 2.00
CA TYR A 119 30.44 -3.39 2.03
C TYR A 119 29.93 -2.60 3.22
N CYS A 120 30.80 -1.80 3.80
CA CYS A 120 30.47 -0.92 4.91
C CYS A 120 30.66 0.52 4.46
N ALA A 121 29.60 1.32 4.55
CA ALA A 121 29.59 2.65 3.99
C ALA A 121 29.09 3.66 5.01
N ARG A 122 29.52 4.91 4.86
CA ARG A 122 29.08 5.99 5.72
C ARG A 122 27.89 6.71 5.08
N LEU A 123 26.76 6.74 5.78
CA LEU A 123 25.61 7.50 5.33
C LEU A 123 25.77 8.94 5.79
N ALA A 124 26.43 9.75 4.97
CA ALA A 124 26.66 11.15 5.29
C ALA A 124 26.21 12.00 4.10
N ASN A 125 25.96 13.28 4.38
CA ASN A 125 25.57 14.22 3.34
C ASN A 125 26.83 14.89 2.80
N TYR A 126 27.14 14.63 1.53
CA TYR A 126 28.01 15.53 0.81
C TYR A 126 27.33 16.90 0.74
N ASP A 127 28.13 17.93 0.48
CA ASP A 127 27.67 19.31 0.68
C ASP A 127 27.31 19.50 2.16
N PHE A 128 28.21 19.05 3.04
CA PHE A 128 27.98 19.09 4.47
C PHE A 128 27.97 20.49 5.03
N TRP A 129 28.60 21.46 4.34
CA TRP A 129 28.57 22.84 4.80
C TRP A 129 27.18 23.44 4.73
N SER A 130 26.25 22.81 4.02
CA SER A 130 24.87 23.26 3.97
C SER A 130 23.98 22.58 5.00
N GLY A 131 24.51 21.66 5.79
CA GLY A 131 23.72 20.95 6.77
C GLY A 131 23.61 19.48 6.46
N TYR A 132 22.56 18.84 6.95
CA TYR A 132 22.35 17.41 6.68
C TYR A 132 20.86 17.13 6.60
N SER A 133 20.53 16.08 5.86
CA SER A 133 19.16 15.60 5.75
C SER A 133 19.19 14.09 5.57
N ARG A 134 18.51 13.39 6.48
CA ARG A 134 18.55 11.93 6.47
C ARG A 134 17.84 11.33 5.25
N PHE A 135 16.95 12.10 4.61
CA PHE A 135 16.32 11.63 3.38
C PHE A 135 17.31 11.63 2.21
N SER A 136 18.15 12.65 2.12
CA SER A 136 19.04 12.82 0.99
C SER A 136 20.46 12.34 1.27
N ALA A 137 20.70 11.68 2.41
CA ALA A 137 22.02 11.17 2.71
C ALA A 137 22.41 10.08 1.71
N GLN A 138 23.70 10.02 1.39
CA GLN A 138 24.23 9.08 0.41
C GLN A 138 25.50 8.44 0.95
N PHE A 139 25.84 7.28 0.41
CA PHE A 139 27.04 6.55 0.82
C PHE A 139 28.27 7.23 0.21
N ASP A 140 28.64 8.35 0.81
CA ASP A 140 29.75 9.16 0.30
C ASP A 140 31.11 8.50 0.53
N ASN A 141 31.23 7.61 1.51
CA ASN A 141 32.46 6.89 1.76
C ASN A 141 32.15 5.41 1.90
N TRP A 142 33.01 4.57 1.34
CA TRP A 142 32.81 3.14 1.31
C TRP A 142 34.05 2.43 1.85
N GLY A 143 33.84 1.26 2.43
CA GLY A 143 34.95 0.40 2.83
C GLY A 143 35.39 -0.49 1.68
N GLN A 144 36.51 -1.17 1.90
CA GLN A 144 37.05 -2.07 0.89
C GLN A 144 36.22 -3.34 0.72
N GLY A 145 35.38 -3.68 1.69
CA GLY A 145 34.52 -4.83 1.60
C GLY A 145 35.18 -6.10 2.10
N THR A 146 34.33 -7.06 2.47
CA THR A 146 34.77 -8.37 2.93
C THR A 146 33.95 -9.43 2.22
N LEU A 147 34.55 -10.61 2.05
CA LEU A 147 33.90 -11.70 1.33
C LEU A 147 33.37 -12.72 2.34
N VAL A 148 32.07 -13.00 2.28
CA VAL A 148 31.44 -14.00 3.12
C VAL A 148 31.01 -15.17 2.25
N THR A 149 31.48 -16.36 2.58
CA THR A 149 31.21 -17.57 1.80
C THR A 149 30.41 -18.54 2.64
N VAL A 150 29.30 -19.02 2.10
CA VAL A 150 28.40 -19.95 2.78
C VAL A 150 28.36 -21.24 1.98
N SER A 151 28.87 -22.32 2.56
CA SER A 151 28.93 -23.60 1.86
C SER A 151 29.04 -24.71 2.88
N SER A 152 28.80 -25.93 2.42
CA SER A 152 28.91 -27.12 3.27
C SER A 152 30.37 -27.43 3.58
N GLN B 20 15.28 -8.98 -7.60
CA GLN B 20 15.04 -7.79 -8.41
C GLN B 20 15.12 -6.53 -7.56
N SER B 21 15.41 -5.41 -8.21
CA SER B 21 15.54 -4.11 -7.54
C SER B 21 14.35 -3.23 -7.88
N VAL B 22 13.99 -2.36 -6.93
CA VAL B 22 12.86 -1.46 -7.15
C VAL B 22 13.16 -0.49 -8.29
N LEU B 23 14.36 0.09 -8.30
CA LEU B 23 14.77 0.91 -9.43
C LEU B 23 15.34 0.03 -10.54
N THR B 24 15.09 0.44 -11.78
CA THR B 24 15.51 -0.33 -12.94
C THR B 24 16.38 0.53 -13.86
N GLN B 25 17.37 -0.12 -14.47
CA GLN B 25 18.31 0.51 -15.37
C GLN B 25 18.49 -0.40 -16.58
N PRO B 26 18.88 0.15 -17.72
CA PRO B 26 19.29 -0.70 -18.85
C PRO B 26 20.49 -1.54 -18.46
N PRO B 27 20.50 -2.82 -18.83
CA PRO B 27 21.59 -3.70 -18.38
C PRO B 27 22.96 -3.27 -18.87
N SER B 28 23.07 -2.71 -20.07
CA SER B 28 24.37 -2.30 -20.60
C SER B 28 24.17 -1.23 -21.65
N VAL B 29 25.14 -0.31 -21.72
CA VAL B 29 25.17 0.74 -22.72
C VAL B 29 26.58 0.80 -23.30
N SER B 30 26.67 1.23 -24.56
CA SER B 30 27.93 1.29 -25.27
C SER B 30 28.04 2.59 -26.05
N GLY B 31 29.27 2.98 -26.35
CA GLY B 31 29.50 4.19 -27.13
C GLY B 31 30.94 4.28 -27.58
N ALA B 32 31.15 5.05 -28.63
CA ALA B 32 32.48 5.28 -29.17
C ALA B 32 33.21 6.36 -28.36
N PRO B 33 34.53 6.35 -28.37
CA PRO B 33 35.28 7.40 -27.66
C PRO B 33 34.92 8.78 -28.16
N GLY B 34 34.82 9.73 -27.23
CA GLY B 34 34.51 11.10 -27.59
C GLY B 34 33.07 11.37 -27.94
N GLN B 35 32.16 10.43 -27.66
CA GLN B 35 30.76 10.57 -28.02
C GLN B 35 29.90 10.53 -26.77
N ARG B 36 28.76 11.22 -26.82
CA ARG B 36 27.89 11.33 -25.66
C ARG B 36 27.17 10.01 -25.39
N VAL B 37 27.01 9.68 -24.10
CA VAL B 37 26.33 8.47 -23.67
C VAL B 37 25.42 8.83 -22.49
N THR B 38 24.20 8.30 -22.52
CA THR B 38 23.22 8.57 -21.49
C THR B 38 22.70 7.26 -20.89
N ILE B 39 22.65 7.20 -19.56
CA ILE B 39 22.14 6.06 -18.82
C ILE B 39 20.94 6.50 -18.01
N SER B 40 19.84 5.75 -18.13
CA SER B 40 18.57 6.14 -17.52
C SER B 40 18.29 5.31 -16.26
N CYS B 41 17.41 5.85 -15.43
CA CYS B 41 16.96 5.20 -14.20
C CYS B 41 15.54 5.66 -13.88
N THR B 42 14.62 4.71 -13.74
CA THR B 42 13.24 5.02 -13.47
C THR B 42 12.80 4.40 -12.15
N GLY B 43 11.86 5.06 -11.48
CA GLY B 43 11.39 4.60 -10.19
C GLY B 43 9.88 4.44 -10.13
N SER B 44 9.36 4.29 -8.91
CA SER B 44 7.94 4.04 -8.68
C SER B 44 7.25 5.33 -8.24
N SER B 45 5.99 5.20 -7.80
CA SER B 45 5.29 6.34 -7.22
C SER B 45 5.98 6.84 -5.96
N SER B 46 6.56 5.93 -5.18
CA SER B 46 7.44 6.31 -4.08
C SER B 46 8.83 6.60 -4.65
N ASN B 47 9.82 6.71 -3.76
CA ASN B 47 11.20 7.03 -4.09
C ASN B 47 11.30 8.18 -5.09
N ILE B 48 11.73 7.92 -6.32
CA ILE B 48 11.92 8.99 -7.30
C ILE B 48 10.61 9.72 -7.56
N GLY B 49 9.50 8.99 -7.62
CA GLY B 49 8.21 9.60 -7.84
C GLY B 49 7.75 10.47 -6.68
N ALA B 50 8.28 10.25 -5.48
CA ALA B 50 7.93 11.03 -4.31
C ALA B 50 8.80 12.27 -4.14
N GLY B 51 9.69 12.55 -5.09
CA GLY B 51 10.56 13.69 -5.01
C GLY B 51 11.90 13.45 -4.36
N TYR B 52 12.23 12.20 -4.04
CA TYR B 52 13.51 11.90 -3.40
C TYR B 52 14.64 12.01 -4.41
N ASP B 53 15.80 12.45 -3.93
CA ASP B 53 16.96 12.66 -4.79
C ASP B 53 17.50 11.34 -5.32
N VAL B 54 18.29 11.43 -6.39
CA VAL B 54 18.90 10.28 -7.03
C VAL B 54 20.41 10.44 -6.99
N HIS B 55 21.10 9.41 -6.54
CA HIS B 55 22.56 9.41 -6.44
C HIS B 55 23.13 8.35 -7.37
N TRP B 56 24.31 8.64 -7.93
CA TRP B 56 24.95 7.75 -8.89
C TRP B 56 26.33 7.36 -8.38
N TYR B 57 26.68 6.08 -8.55
CA TYR B 57 27.93 5.52 -8.07
C TYR B 57 28.66 4.83 -9.20
N GLN B 58 29.99 4.79 -9.10
CA GLN B 58 30.83 4.11 -10.09
C GLN B 58 31.61 2.99 -9.43
N GLN B 59 31.55 1.80 -10.01
CA GLN B 59 32.25 0.63 -9.51
C GLN B 59 33.18 0.10 -10.59
N LEU B 60 34.45 0.46 -10.50
CA LEU B 60 35.46 -0.11 -11.39
C LEU B 60 35.68 -1.57 -11.01
N PRO B 61 36.18 -2.38 -11.96
CA PRO B 61 36.38 -3.80 -11.67
C PRO B 61 37.29 -4.02 -10.46
N GLY B 62 36.84 -4.90 -9.57
CA GLY B 62 37.61 -5.22 -8.38
C GLY B 62 37.82 -4.06 -7.42
N THR B 63 36.86 -3.14 -7.35
CA THR B 63 36.96 -1.99 -6.45
C THR B 63 35.60 -1.70 -5.85
N ALA B 64 35.61 -1.01 -4.71
CA ALA B 64 34.38 -0.60 -4.06
C ALA B 64 33.71 0.53 -4.85
N PRO B 65 32.40 0.67 -4.72
CA PRO B 65 31.71 1.77 -5.41
C PRO B 65 32.20 3.13 -4.94
N LYS B 66 32.20 4.09 -5.86
CA LYS B 66 32.61 5.46 -5.59
C LYS B 66 31.46 6.40 -5.93
N LEU B 67 31.19 7.34 -5.03
CA LEU B 67 30.15 8.34 -5.28
C LEU B 67 30.51 9.14 -6.53
N LEU B 68 29.53 9.32 -7.41
CA LEU B 68 29.74 10.03 -8.67
C LEU B 68 28.85 11.25 -8.83
N ILE B 69 27.59 11.17 -8.39
CA ILE B 69 26.64 12.27 -8.46
C ILE B 69 25.87 12.29 -7.14
N TYR B 70 26.24 13.19 -6.23
CA TYR B 70 25.71 13.14 -4.88
C TYR B 70 24.32 13.75 -4.74
N ASP B 71 23.87 14.49 -5.74
CA ASP B 71 22.50 14.97 -5.81
C ASP B 71 22.20 15.28 -7.26
N ASN B 72 20.92 15.37 -7.59
CA ASN B 72 20.52 15.65 -8.96
C ASN B 72 21.29 16.85 -9.50
N ASN B 73 22.10 16.58 -10.53
CA ASN B 73 23.00 17.53 -11.21
C ASN B 73 24.08 18.09 -10.30
N ASN B 74 24.27 17.54 -9.10
CA ASN B 74 25.34 17.94 -8.20
C ASN B 74 26.46 16.92 -8.27
N ARG B 75 27.70 17.39 -8.27
CA ARG B 75 28.86 16.54 -8.51
C ARG B 75 29.90 16.72 -7.41
N PRO B 76 30.45 15.63 -6.88
CA PRO B 76 31.50 15.76 -5.86
C PRO B 76 32.80 16.27 -6.46
N SER B 77 33.73 16.61 -5.58
CA SER B 77 35.03 17.11 -6.02
C SER B 77 35.86 15.97 -6.61
N GLY B 78 36.63 16.29 -7.65
CA GLY B 78 37.46 15.32 -8.32
C GLY B 78 36.80 14.58 -9.46
N VAL B 79 35.48 14.60 -9.54
CA VAL B 79 34.75 13.98 -10.65
C VAL B 79 34.76 14.94 -11.82
N PRO B 80 35.17 14.51 -13.01
CA PRO B 80 35.28 15.45 -14.14
C PRO B 80 33.93 16.02 -14.54
N ASP B 81 33.99 17.21 -15.14
CA ASP B 81 32.81 17.95 -15.57
C ASP B 81 31.99 17.18 -16.61
N ARG B 82 32.60 16.25 -17.34
CA ARG B 82 31.89 15.55 -18.40
C ARG B 82 30.78 14.65 -17.89
N PHE B 83 30.70 14.41 -16.59
CA PHE B 83 29.58 13.69 -15.99
C PHE B 83 28.52 14.69 -15.54
N SER B 84 27.27 14.38 -15.83
CA SER B 84 26.15 15.21 -15.41
C SER B 84 24.91 14.34 -15.27
N GLY B 85 23.93 14.86 -14.52
CA GLY B 85 22.72 14.13 -14.25
C GLY B 85 21.51 15.04 -14.25
N SER B 86 20.34 14.43 -14.28
CA SER B 86 19.08 15.16 -14.28
C SER B 86 17.98 14.26 -13.76
N LYS B 87 16.87 14.87 -13.35
CA LYS B 87 15.71 14.14 -12.87
C LYS B 87 14.45 14.74 -13.48
N SER B 88 13.51 13.88 -13.86
CA SER B 88 12.27 14.33 -14.47
C SER B 88 11.18 13.32 -14.13
N GLY B 89 10.23 13.74 -13.29
CA GLY B 89 9.15 12.85 -12.92
C GLY B 89 9.67 11.62 -12.18
N THR B 90 9.21 10.46 -12.62
CA THR B 90 9.61 9.19 -12.00
C THR B 90 10.88 8.60 -12.63
N SER B 91 11.67 9.40 -13.34
CA SER B 91 12.86 8.90 -14.00
C SER B 91 14.01 9.88 -13.81
N ALA B 92 15.22 9.34 -13.77
CA ALA B 92 16.45 10.13 -13.70
C ALA B 92 17.47 9.52 -14.65
N SER B 93 18.42 10.34 -15.08
CA SER B 93 19.38 9.90 -16.08
C SER B 93 20.77 10.46 -15.77
N LEU B 94 21.78 9.75 -16.25
CA LEU B 94 23.18 10.17 -16.15
C LEU B 94 23.74 10.34 -17.56
N ALA B 95 24.34 11.50 -17.82
CA ALA B 95 24.86 11.84 -19.13
C ALA B 95 26.36 12.04 -19.05
N ILE B 96 27.10 11.41 -19.97
CA ILE B 96 28.54 11.56 -20.07
C ILE B 96 28.84 12.19 -21.44
N THR B 97 29.41 13.40 -21.42
CA THR B 97 29.69 14.11 -22.65
C THR B 97 30.77 13.43 -23.48
N GLY B 98 31.98 13.32 -22.94
CA GLY B 98 33.02 12.58 -23.60
C GLY B 98 32.95 11.10 -23.26
N LEU B 99 33.98 10.38 -23.68
CA LEU B 99 34.11 8.96 -23.36
C LEU B 99 35.59 8.59 -23.41
N GLN B 100 36.19 8.41 -22.24
CA GLN B 100 37.60 8.06 -22.14
C GLN B 100 37.74 6.58 -21.82
N ALA B 101 39.00 6.15 -21.65
CA ALA B 101 39.27 4.75 -21.36
C ALA B 101 38.72 4.34 -20.01
N GLU B 102 38.86 5.19 -18.99
CA GLU B 102 38.44 4.84 -17.64
C GLU B 102 36.93 4.78 -17.47
N ASP B 103 36.16 5.29 -18.42
CA ASP B 103 34.70 5.23 -18.36
C ASP B 103 34.21 3.89 -18.91
N GLU B 104 34.52 2.83 -18.17
CA GLU B 104 34.13 1.48 -18.56
C GLU B 104 33.63 0.66 -17.38
N ALA B 105 33.19 1.31 -16.30
CA ALA B 105 32.80 0.62 -15.09
C ALA B 105 31.29 0.41 -15.05
N ASP B 106 30.81 -0.10 -13.92
CA ASP B 106 29.38 -0.22 -13.68
C ASP B 106 28.88 1.00 -12.94
N TYR B 107 27.71 1.51 -13.35
CA TYR B 107 27.11 2.69 -12.77
C TYR B 107 25.78 2.31 -12.15
N TYR B 108 25.56 2.70 -10.90
CA TYR B 108 24.40 2.28 -10.13
C TYR B 108 23.56 3.47 -9.76
N CYS B 109 22.25 3.35 -9.98
CA CYS B 109 21.28 4.34 -9.54
C CYS B 109 20.83 4.04 -8.12
N GLN B 110 20.61 5.10 -7.35
CA GLN B 110 20.24 4.93 -5.94
C GLN B 110 19.33 6.07 -5.51
N SER B 111 18.38 5.74 -4.64
CA SER B 111 17.45 6.73 -4.11
C SER B 111 16.82 6.19 -2.84
N PHE B 112 16.23 7.09 -2.06
CA PHE B 112 15.53 6.72 -0.84
C PHE B 112 14.08 6.33 -1.15
N ASP B 113 13.65 5.22 -0.58
CA ASP B 113 12.29 4.72 -0.77
C ASP B 113 11.55 4.82 0.55
N SER B 114 10.40 5.46 0.54
CA SER B 114 9.64 5.74 1.76
C SER B 114 8.44 4.82 1.95
N SER B 115 8.34 3.74 1.21
CA SER B 115 7.20 2.83 1.31
C SER B 115 7.44 1.72 2.33
N SER B 116 7.81 2.12 3.56
CA SER B 116 8.01 1.17 4.65
C SER B 116 7.98 1.95 5.96
N LEU B 117 7.90 1.20 7.06
CA LEU B 117 7.78 1.82 8.38
C LEU B 117 8.99 2.66 8.75
N THR B 118 10.20 2.17 8.49
CA THR B 118 11.42 2.89 8.85
C THR B 118 12.16 3.44 7.63
N GLY B 119 11.56 3.36 6.45
CA GLY B 119 12.22 3.83 5.25
C GLY B 119 13.14 2.79 4.65
N SER B 120 13.54 3.00 3.40
CA SER B 120 14.41 2.06 2.70
C SER B 120 15.24 2.82 1.68
N ARG B 121 16.37 2.23 1.31
CA ARG B 121 17.24 2.77 0.29
C ARG B 121 17.42 1.74 -0.82
N VAL B 122 17.09 2.13 -2.04
CA VAL B 122 16.97 1.19 -3.15
C VAL B 122 18.06 1.50 -4.18
N PHE B 123 18.75 0.46 -4.61
CA PHE B 123 19.77 0.57 -5.65
C PHE B 123 19.17 0.19 -7.01
N GLY B 124 19.81 0.67 -8.07
CA GLY B 124 19.44 0.27 -9.40
C GLY B 124 20.04 -1.06 -9.79
N GLY B 125 19.62 -1.55 -10.95
CA GLY B 125 20.11 -2.81 -11.45
C GLY B 125 21.54 -2.80 -11.96
N GLY B 126 22.14 -1.62 -12.10
CA GLY B 126 23.50 -1.53 -12.58
C GLY B 126 23.60 -1.54 -14.09
N THR B 127 24.35 -0.61 -14.66
CA THR B 127 24.52 -0.49 -16.09
C THR B 127 26.00 -0.64 -16.42
N LYS B 128 26.32 -1.57 -17.32
CA LYS B 128 27.69 -1.78 -17.73
C LYS B 128 28.01 -0.92 -18.96
N LEU B 129 28.98 -0.02 -18.81
CA LEU B 129 29.37 0.88 -19.88
C LEU B 129 30.63 0.36 -20.56
N THR B 130 30.60 0.33 -21.89
CA THR B 130 31.72 -0.16 -22.68
C THR B 130 32.08 0.88 -23.73
N VAL B 131 33.38 0.98 -24.00
CA VAL B 131 33.92 1.94 -24.96
C VAL B 131 34.34 1.16 -26.20
N LEU B 132 33.75 1.50 -27.34
CA LEU B 132 34.03 0.80 -28.58
C LEU B 132 35.22 1.43 -29.32
N LEU C 353 18.49 32.16 28.08
CA LEU C 353 19.12 32.23 26.78
C LEU C 353 18.14 32.73 25.72
N CYS C 354 17.43 31.79 25.08
CA CYS C 354 16.49 32.11 24.02
C CYS C 354 15.40 31.05 24.02
N PRO C 355 14.14 31.42 23.77
CA PRO C 355 13.03 30.45 23.82
C PRO C 355 13.02 29.50 22.62
N PHE C 356 13.86 28.46 22.70
CA PHE C 356 13.83 27.40 21.72
C PHE C 356 13.11 26.15 22.22
N ASP C 357 12.90 26.02 23.53
CA ASP C 357 12.05 24.94 24.03
C ASP C 357 10.59 25.23 23.73
N GLU C 358 10.21 26.50 23.66
CA GLU C 358 8.85 26.88 23.34
C GLU C 358 8.49 26.59 21.88
N VAL C 359 9.48 26.34 21.03
CA VAL C 359 9.26 26.10 19.61
C VAL C 359 9.49 24.63 19.26
N PHE C 360 10.61 24.07 19.68
CA PHE C 360 10.94 22.69 19.35
C PHE C 360 10.26 21.68 20.26
N ASN C 361 9.98 22.04 21.51
CA ASN C 361 9.41 21.11 22.48
C ASN C 361 7.97 21.47 22.83
N ALA C 362 7.28 22.21 21.97
CA ALA C 362 5.89 22.54 22.22
C ALA C 362 5.03 21.29 22.20
N THR C 363 4.00 21.26 23.05
CA THR C 363 3.14 20.08 23.14
C THR C 363 2.38 19.84 21.84
N ARG C 364 1.87 20.90 21.23
CA ARG C 364 1.06 20.79 20.03
C ARG C 364 1.59 21.70 18.94
N PHE C 365 1.70 21.16 17.73
CA PHE C 365 2.09 21.93 16.55
C PHE C 365 0.87 22.30 15.73
N ALA C 366 1.00 23.35 14.94
CA ALA C 366 -0.11 23.79 14.11
C ALA C 366 -0.08 23.08 12.75
N SER C 367 -1.22 23.10 12.07
CA SER C 367 -1.31 22.51 10.75
C SER C 367 -0.52 23.35 9.74
N VAL C 368 -0.14 22.72 8.64
CA VAL C 368 0.70 23.41 7.66
C VAL C 368 -0.03 24.59 7.02
N TYR C 369 -1.35 24.47 6.83
CA TYR C 369 -2.11 25.58 6.27
C TYR C 369 -2.25 26.73 7.26
N ALA C 370 -1.96 26.51 8.53
CA ALA C 370 -2.05 27.52 9.57
C ALA C 370 -0.79 27.53 10.42
N TRP C 371 0.37 27.55 9.76
CA TRP C 371 1.65 27.43 10.45
C TRP C 371 1.86 28.58 11.43
N ASN C 372 2.46 28.27 12.57
CA ASN C 372 2.75 29.28 13.57
C ASN C 372 3.88 30.20 13.09
N ARG C 373 3.99 31.35 13.76
CA ARG C 373 5.02 32.33 13.44
C ARG C 373 5.39 33.02 14.75
N LYS C 374 6.56 32.69 15.28
CA LYS C 374 7.05 33.25 16.53
C LYS C 374 8.27 34.12 16.25
N ARG C 375 8.21 35.38 16.67
CA ARG C 375 9.35 36.27 16.49
C ARG C 375 10.38 36.02 17.58
N ILE C 376 11.64 35.86 17.16
CA ILE C 376 12.75 35.63 18.08
C ILE C 376 13.61 36.89 18.07
N SER C 377 13.68 37.57 19.21
CA SER C 377 14.42 38.82 19.28
C SER C 377 14.84 39.06 20.72
N ASN C 378 15.84 39.93 20.88
CA ASN C 378 16.37 40.32 22.19
C ASN C 378 16.81 39.10 23.00
N CYS C 379 17.59 38.24 22.36
CA CYS C 379 18.06 37.03 23.01
C CYS C 379 19.45 36.67 22.48
N VAL C 380 20.15 35.84 23.24
CA VAL C 380 21.38 35.21 22.80
C VAL C 380 21.09 33.75 22.52
N ALA C 381 21.27 33.33 21.26
CA ALA C 381 20.93 31.98 20.83
C ALA C 381 22.20 31.26 20.42
N ASP C 382 22.42 30.07 20.98
CA ASP C 382 23.61 29.28 20.66
C ASP C 382 23.20 28.15 19.74
N TYR C 383 23.22 28.45 18.44
CA TYR C 383 22.80 27.48 17.43
C TYR C 383 23.77 26.31 17.32
N SER C 384 25.01 26.50 17.79
CA SER C 384 26.03 25.47 17.62
C SER C 384 25.67 24.18 18.35
N VAL C 385 25.29 24.28 19.63
CA VAL C 385 24.91 23.08 20.36
C VAL C 385 23.60 22.51 19.83
N LEU C 386 22.71 23.37 19.35
CA LEU C 386 21.46 22.89 18.76
C LEU C 386 21.72 22.03 17.53
N TYR C 387 22.68 22.44 16.70
CA TYR C 387 23.02 21.65 15.53
C TYR C 387 23.79 20.39 15.92
N ASN C 388 24.76 20.53 16.84
CA ASN C 388 25.70 19.44 17.10
C ASN C 388 25.10 18.34 17.96
N LEU C 389 24.26 18.68 18.93
CA LEU C 389 23.80 17.71 19.93
C LEU C 389 22.37 17.26 19.74
N ALA C 390 21.49 18.10 19.20
CA ALA C 390 20.10 17.72 19.04
C ALA C 390 19.94 16.83 17.81
N PRO C 391 19.50 15.59 17.96
CA PRO C 391 19.39 14.66 16.82
C PRO C 391 18.09 14.79 16.03
N PHE C 392 18.08 15.73 15.09
CA PHE C 392 16.94 15.89 14.21
C PHE C 392 17.06 14.98 12.99
N PHE C 393 15.94 14.78 12.32
CA PHE C 393 15.92 14.05 11.06
C PHE C 393 16.47 14.88 9.91
N THR C 394 16.37 16.20 9.99
CA THR C 394 16.80 17.08 8.90
C THR C 394 17.21 18.42 9.49
N PHE C 395 18.37 18.92 9.07
CA PHE C 395 18.85 20.25 9.46
C PHE C 395 19.59 20.80 8.24
N LYS C 396 18.88 21.59 7.43
CA LYS C 396 19.40 22.11 6.18
C LYS C 396 19.37 23.63 6.22
N CYS C 397 20.51 24.25 5.92
CA CYS C 397 20.62 25.69 5.83
C CYS C 397 21.04 26.07 4.41
N TYR C 398 20.44 27.13 3.88
CA TYR C 398 20.59 27.49 2.47
C TYR C 398 21.39 28.76 2.26
N GLY C 399 21.01 29.87 2.87
CA GLY C 399 21.78 31.08 2.77
C GLY C 399 22.89 31.21 3.79
N VAL C 400 23.01 30.25 4.72
CA VAL C 400 23.99 30.30 5.79
C VAL C 400 24.58 28.92 5.98
N SER C 401 25.57 28.82 6.86
CA SER C 401 26.17 27.56 7.22
C SER C 401 25.83 27.22 8.67
N PRO C 402 25.39 25.99 8.96
CA PRO C 402 24.97 25.68 10.33
C PRO C 402 26.09 25.81 11.35
N THR C 403 27.34 25.53 10.96
CA THR C 403 28.44 25.52 11.91
C THR C 403 29.02 26.90 12.18
N LYS C 404 28.54 27.94 11.50
CA LYS C 404 29.05 29.30 11.72
C LYS C 404 27.91 30.29 11.82
N LEU C 405 26.79 29.86 12.41
CA LEU C 405 25.66 30.76 12.64
C LEU C 405 25.89 31.68 13.83
N ASN C 406 26.83 31.36 14.72
CA ASN C 406 27.01 32.11 15.94
C ASN C 406 27.69 33.45 15.71
N ASP C 407 28.66 33.52 14.80
CA ASP C 407 29.36 34.77 14.54
C ASP C 407 28.50 35.79 13.83
N LEU C 408 27.44 35.36 13.15
CA LEU C 408 26.50 36.28 12.53
C LEU C 408 25.39 36.64 13.50
N CYS C 409 24.81 37.82 13.31
CA CYS C 409 23.55 38.14 13.98
C CYS C 409 22.73 39.13 13.17
N PHE C 410 21.44 39.20 13.50
CA PHE C 410 20.42 39.71 12.62
C PHE C 410 19.49 40.65 13.38
N THR C 411 18.75 41.47 12.63
CA THR C 411 17.77 42.35 13.25
C THR C 411 16.62 41.58 13.90
N ASN C 412 16.20 40.48 13.31
CA ASN C 412 15.12 39.68 13.89
C ASN C 412 15.21 38.25 13.35
N VAL C 413 14.64 37.32 14.09
CA VAL C 413 14.60 35.91 13.72
C VAL C 413 13.18 35.40 13.86
N TYR C 414 12.70 34.70 12.84
CA TYR C 414 11.36 34.14 12.82
C TYR C 414 11.45 32.62 12.84
N ALA C 415 10.60 31.98 13.64
CA ALA C 415 10.53 30.54 13.71
C ALA C 415 9.12 30.09 13.34
N ASP C 416 9.01 29.27 12.29
CA ASP C 416 7.72 28.77 11.82
C ASP C 416 7.64 27.26 12.04
N SER C 417 6.54 26.82 12.64
CA SER C 417 6.37 25.41 12.99
C SER C 417 5.07 24.89 12.41
N PHE C 418 5.12 23.67 11.89
CA PHE C 418 3.95 23.01 11.33
C PHE C 418 4.24 21.52 11.19
N VAL C 419 3.18 20.74 10.96
CA VAL C 419 3.29 19.30 10.78
C VAL C 419 2.88 18.96 9.36
N ILE C 420 3.71 18.16 8.68
CA ILE C 420 3.47 17.77 7.30
C ILE C 420 3.72 16.27 7.14
N ARG C 421 3.48 15.80 5.92
CA ARG C 421 3.69 14.40 5.58
C ARG C 421 5.16 14.08 5.49
N GLY C 422 5.49 12.79 5.57
CA GLY C 422 6.89 12.38 5.63
C GLY C 422 7.66 12.71 4.37
N ASP C 423 7.10 12.34 3.21
CA ASP C 423 7.74 12.64 1.94
C ASP C 423 7.47 14.05 1.45
N GLU C 424 6.68 14.81 2.20
CA GLU C 424 6.31 16.17 1.87
C GLU C 424 7.29 17.19 2.45
N VAL C 425 8.32 16.73 3.17
CA VAL C 425 9.38 17.61 3.66
C VAL C 425 10.29 18.02 2.53
N ARG C 426 10.26 17.28 1.42
CA ARG C 426 11.11 17.60 0.27
C ARG C 426 10.88 19.01 -0.23
N GLN C 427 9.64 19.47 -0.22
CA GLN C 427 9.27 20.75 -0.81
C GLN C 427 9.33 21.91 0.19
N ILE C 428 9.86 21.67 1.39
CA ILE C 428 10.20 22.78 2.28
C ILE C 428 11.62 23.20 1.95
N ALA C 429 11.79 24.01 0.91
CA ALA C 429 13.09 24.43 0.42
C ALA C 429 12.87 25.48 -0.66
N PRO C 430 13.84 26.36 -0.88
CA PRO C 430 13.69 27.37 -1.94
C PRO C 430 13.56 26.73 -3.31
N GLY C 431 12.70 27.31 -4.15
CA GLY C 431 12.53 26.87 -5.51
C GLY C 431 11.77 25.57 -5.69
N GLN C 432 11.08 25.09 -4.66
CA GLN C 432 10.37 23.83 -4.76
C GLN C 432 8.92 24.04 -5.16
N THR C 433 8.36 23.06 -5.86
CA THR C 433 6.97 23.06 -6.26
C THR C 433 6.27 21.82 -5.73
N GLY C 434 5.04 21.99 -5.29
CA GLY C 434 4.27 20.90 -4.72
C GLY C 434 3.09 21.44 -3.95
N ASN C 435 2.30 20.52 -3.42
CA ASN C 435 1.06 20.91 -2.74
C ASN C 435 1.34 21.91 -1.63
N ILE C 436 2.30 21.63 -0.76
CA ILE C 436 2.66 22.56 0.30
C ILE C 436 3.22 23.85 -0.28
N ALA C 437 4.09 23.74 -1.28
CA ALA C 437 4.74 24.92 -1.83
C ALA C 437 3.76 25.85 -2.51
N ASP C 438 2.87 25.31 -3.35
CA ASP C 438 1.93 26.18 -4.05
C ASP C 438 0.78 26.63 -3.17
N TYR C 439 0.28 25.76 -2.29
CA TYR C 439 -0.99 26.03 -1.63
C TYR C 439 -0.89 26.23 -0.13
N ASN C 440 0.16 25.76 0.53
CA ASN C 440 0.22 25.80 1.99
C ASN C 440 1.33 26.70 2.51
N TYR C 441 2.59 26.47 2.13
CA TYR C 441 3.71 27.19 2.73
C TYR C 441 4.80 27.35 1.66
N LYS C 442 4.86 28.56 1.09
CA LYS C 442 5.83 28.85 0.04
C LYS C 442 7.06 29.52 0.63
N LEU C 443 8.23 29.04 0.24
CA LEU C 443 9.52 29.50 0.74
C LEU C 443 10.25 30.29 -0.34
N PRO C 444 10.81 31.46 -0.02
CA PRO C 444 11.42 32.30 -1.05
C PRO C 444 12.59 31.61 -1.73
N ASP C 445 12.79 31.95 -3.01
CA ASP C 445 13.91 31.43 -3.77
C ASP C 445 15.26 31.90 -3.23
N ASP C 446 15.29 33.03 -2.51
CA ASP C 446 16.51 33.53 -1.90
C ASP C 446 16.53 33.33 -0.39
N PHE C 447 15.86 32.28 0.09
CA PHE C 447 15.75 32.02 1.52
C PHE C 447 17.13 31.85 2.14
N THR C 448 17.32 32.47 3.29
CA THR C 448 18.64 32.51 3.94
C THR C 448 18.69 31.71 5.23
N GLY C 449 17.54 31.27 5.75
CA GLY C 449 17.52 30.57 7.02
C GLY C 449 17.76 29.08 6.95
N CYS C 450 17.28 28.35 7.95
CA CYS C 450 17.48 26.91 8.05
C CYS C 450 16.13 26.22 8.24
N VAL C 451 16.08 24.95 7.83
CA VAL C 451 14.88 24.13 7.95
C VAL C 451 15.22 22.92 8.81
N ILE C 452 14.44 22.71 9.87
CA ILE C 452 14.66 21.63 10.82
C ILE C 452 13.40 20.77 10.88
N ALA C 453 13.57 19.46 10.75
CA ALA C 453 12.44 18.55 10.76
C ALA C 453 12.83 17.26 11.46
N TRP C 454 11.86 16.64 12.13
CA TRP C 454 12.08 15.35 12.78
C TRP C 454 10.77 14.58 12.79
N ASN C 455 10.89 13.25 12.85
CA ASN C 455 9.71 12.39 12.84
C ASN C 455 8.98 12.48 14.17
N SER C 456 7.65 12.60 14.11
CA SER C 456 6.82 12.66 15.30
C SER C 456 5.70 11.62 15.25
N ASN C 457 6.02 10.41 14.82
CA ASN C 457 5.02 9.34 14.79
C ASN C 457 4.63 8.89 16.19
N LYS C 458 5.40 9.25 17.21
CA LYS C 458 5.08 8.85 18.58
C LYS C 458 4.09 9.80 19.24
N LEU C 459 3.87 10.98 18.66
CA LEU C 459 3.04 12.00 19.29
C LEU C 459 1.81 12.37 18.46
N ASP C 460 1.98 12.56 17.16
CA ASP C 460 0.93 13.05 16.29
C ASP C 460 0.13 11.95 15.61
N SER C 461 0.38 10.69 15.97
CA SER C 461 -0.23 9.56 15.29
C SER C 461 -1.19 8.85 16.24
N LYS C 462 -2.33 8.44 15.71
CA LYS C 462 -3.35 7.75 16.49
C LYS C 462 -3.81 6.52 15.72
N VAL C 463 -4.28 5.51 16.46
CA VAL C 463 -4.78 4.30 15.83
C VAL C 463 -6.01 4.58 15.00
N SER C 464 -6.95 5.37 15.51
CA SER C 464 -8.15 5.72 14.77
C SER C 464 -7.87 6.71 13.65
N GLY C 465 -6.67 7.27 13.58
CA GLY C 465 -6.37 8.28 12.59
C GLY C 465 -6.45 9.67 13.17
N ASN C 466 -5.35 10.42 13.11
CA ASN C 466 -5.30 11.76 13.69
C ASN C 466 -5.80 12.75 12.64
N TYR C 467 -7.09 13.04 12.66
CA TYR C 467 -7.66 14.08 11.81
C TYR C 467 -7.42 15.47 12.37
N ASN C 468 -6.50 15.60 13.32
CA ASN C 468 -6.21 16.86 13.97
C ASN C 468 -5.50 17.84 13.04
N TYR C 469 -4.84 17.34 12.00
CA TYR C 469 -3.98 18.15 11.13
C TYR C 469 -4.57 18.19 9.73
N LEU C 470 -4.66 19.39 9.17
CA LEU C 470 -5.21 19.62 7.85
C LEU C 470 -4.15 20.23 6.94
N TYR C 471 -4.35 20.09 5.63
CA TYR C 471 -3.52 20.75 4.65
C TYR C 471 -4.38 21.25 3.50
N ARG C 472 -4.12 22.48 3.06
CA ARG C 472 -4.86 23.07 1.95
C ARG C 472 -4.64 22.24 0.70
N LEU C 473 -5.72 21.83 0.05
CA LEU C 473 -5.64 20.99 -1.13
C LEU C 473 -6.02 21.72 -2.42
N PHE C 474 -6.90 22.72 -2.32
CA PHE C 474 -7.36 23.47 -3.48
C PHE C 474 -7.26 24.97 -3.19
N ARG C 475 -6.80 25.72 -4.20
CA ARG C 475 -6.71 27.16 -4.09
C ARG C 475 -6.74 27.75 -5.49
N LYS C 476 -7.04 29.05 -5.56
CA LYS C 476 -7.17 29.71 -6.86
C LYS C 476 -5.81 29.98 -7.49
N SER C 477 -4.79 30.28 -6.68
CA SER C 477 -3.48 30.61 -7.21
C SER C 477 -2.43 30.28 -6.17
N ASN C 478 -1.17 30.21 -6.63
CA ASN C 478 -0.06 29.91 -5.74
C ASN C 478 0.15 31.03 -4.74
N LEU C 479 0.66 30.65 -3.56
CA LEU C 479 0.85 31.61 -2.48
C LEU C 479 2.05 32.52 -2.74
N LYS C 480 2.01 33.70 -2.14
CA LYS C 480 3.20 34.50 -2.01
C LYS C 480 4.11 33.89 -0.96
N PRO C 481 5.43 34.15 -1.03
CA PRO C 481 6.32 33.66 0.02
C PRO C 481 5.93 34.19 1.38
N PHE C 482 5.98 33.31 2.38
CA PHE C 482 5.63 33.65 3.76
C PHE C 482 4.23 34.24 3.88
N GLU C 483 3.28 33.65 3.18
CA GLU C 483 1.87 34.02 3.30
C GLU C 483 1.03 32.78 3.52
N ARG C 484 0.00 32.93 4.36
CA ARG C 484 -0.83 31.80 4.76
C ARG C 484 -2.30 32.16 4.62
N ASP C 485 -3.12 31.15 4.34
CA ASP C 485 -4.56 31.28 4.13
C ASP C 485 -5.30 30.59 5.27
N ILE C 486 -5.86 31.39 6.17
CA ILE C 486 -6.63 30.83 7.28
C ILE C 486 -8.06 30.51 6.89
N SER C 487 -8.72 31.40 6.15
CA SER C 487 -10.14 31.25 5.85
C SER C 487 -10.36 30.02 4.98
N THR C 488 -11.38 29.24 5.32
CA THR C 488 -11.76 28.06 4.56
C THR C 488 -13.15 28.28 3.98
N GLU C 489 -13.26 28.14 2.66
CA GLU C 489 -14.53 28.27 1.98
C GLU C 489 -14.50 27.40 0.74
N ILE C 490 -15.68 27.01 0.28
CA ILE C 490 -15.80 25.98 -0.75
C ILE C 490 -15.14 26.44 -2.04
N TYR C 491 -14.36 25.54 -2.65
CA TYR C 491 -13.57 25.86 -3.82
C TYR C 491 -14.33 25.44 -5.07
N GLN C 492 -14.40 26.35 -6.05
CA GLN C 492 -15.19 26.14 -7.26
C GLN C 492 -14.33 25.45 -8.31
N ALA C 493 -14.69 24.23 -8.67
CA ALA C 493 -14.08 23.58 -9.80
C ALA C 493 -14.99 23.69 -11.03
N GLY C 494 -14.38 23.72 -12.19
CA GLY C 494 -15.20 23.88 -13.38
C GLY C 494 -15.68 25.31 -13.52
N ASN C 495 -16.84 25.47 -14.18
CA ASN C 495 -17.38 26.79 -14.47
C ASN C 495 -18.72 27.07 -13.81
N LYS C 496 -19.40 26.02 -13.31
CA LYS C 496 -20.67 26.22 -12.58
C LYS C 496 -20.36 26.92 -11.25
N PRO C 497 -21.19 27.89 -10.80
CA PRO C 497 -20.90 28.61 -9.57
C PRO C 497 -21.10 27.77 -8.32
N CYS C 498 -20.81 28.36 -7.16
CA CYS C 498 -20.93 27.62 -5.87
C CYS C 498 -21.90 28.36 -4.93
N ASN C 499 -22.85 27.64 -4.34
CA ASN C 499 -23.81 28.24 -3.43
C ASN C 499 -23.30 28.33 -2.00
N GLY C 500 -22.05 27.94 -1.76
CA GLY C 500 -21.50 27.95 -0.42
C GLY C 500 -21.53 26.62 0.29
N VAL C 501 -21.92 25.55 -0.39
CA VAL C 501 -21.98 24.21 0.20
C VAL C 501 -21.23 23.24 -0.69
N ALA C 502 -20.76 22.15 -0.11
CA ALA C 502 -20.05 21.14 -0.89
C ALA C 502 -21.01 20.46 -1.85
N GLY C 503 -20.48 20.04 -3.00
CA GLY C 503 -21.29 19.43 -4.02
C GLY C 503 -20.52 18.66 -5.07
N PHE C 504 -20.99 18.68 -6.30
CA PHE C 504 -20.35 17.90 -7.36
C PHE C 504 -18.99 18.47 -7.73
N ASN C 505 -18.95 19.73 -8.18
CA ASN C 505 -17.69 20.38 -8.53
C ASN C 505 -17.31 21.45 -7.50
N CYS C 506 -17.86 21.38 -6.30
CA CYS C 506 -17.52 22.28 -5.21
C CYS C 506 -16.88 21.47 -4.10
N TYR C 507 -15.65 21.84 -3.74
CA TYR C 507 -14.85 21.06 -2.80
C TYR C 507 -14.55 21.88 -1.55
N PHE C 508 -14.46 21.21 -0.42
CA PHE C 508 -13.89 21.82 0.77
C PHE C 508 -12.38 21.92 0.61
N PRO C 509 -11.80 23.11 0.74
CA PRO C 509 -10.37 23.28 0.41
C PRO C 509 -9.42 22.48 1.29
N LEU C 510 -9.79 22.21 2.55
CA LEU C 510 -8.89 21.60 3.50
C LEU C 510 -9.07 20.08 3.49
N ARG C 511 -7.99 19.38 3.17
CA ARG C 511 -7.95 17.92 3.22
C ARG C 511 -7.18 17.50 4.47
N SER C 512 -7.73 16.55 5.20
CA SER C 512 -7.16 16.18 6.49
C SER C 512 -6.15 15.05 6.35
N TYR C 513 -5.06 15.14 7.11
CA TYR C 513 -4.21 14.00 7.31
C TYR C 513 -4.94 12.96 8.17
N SER C 514 -4.50 11.72 8.06
CA SER C 514 -5.10 10.62 8.80
C SER C 514 -4.00 9.77 9.43
N PHE C 515 -3.08 10.43 10.13
CA PHE C 515 -1.88 9.78 10.64
C PHE C 515 -2.23 8.56 11.50
N ARG C 516 -1.73 7.41 11.09
CA ARG C 516 -1.81 6.16 11.82
C ARG C 516 -0.42 5.55 11.94
N PRO C 517 -0.14 4.81 13.01
CA PRO C 517 1.21 4.27 13.21
C PRO C 517 1.67 3.30 12.14
N THR C 518 0.76 2.73 11.36
CA THR C 518 1.13 1.78 10.31
C THR C 518 1.23 2.41 8.93
N TYR C 519 1.25 3.75 8.84
CA TYR C 519 1.20 4.41 7.54
C TYR C 519 2.51 4.34 6.78
N GLY C 520 3.63 4.13 7.47
CA GLY C 520 4.93 4.12 6.79
C GLY C 520 5.61 5.46 6.83
N VAL C 521 6.93 5.48 6.69
CA VAL C 521 7.69 6.72 6.88
C VAL C 521 7.31 7.77 5.83
N GLY C 522 6.78 7.34 4.69
CA GLY C 522 6.33 8.28 3.70
C GLY C 522 5.15 9.12 4.16
N HIS C 523 4.26 8.52 4.94
CA HIS C 523 3.05 9.20 5.39
C HIS C 523 3.06 9.55 6.87
N GLN C 524 4.11 9.18 7.61
CA GLN C 524 4.17 9.49 9.03
C GLN C 524 4.34 10.99 9.25
N PRO C 525 3.78 11.52 10.34
CA PRO C 525 3.87 12.96 10.58
C PRO C 525 5.30 13.40 10.83
N TYR C 526 5.65 14.59 10.35
CA TYR C 526 6.94 15.19 10.57
C TYR C 526 6.75 16.60 11.10
N ARG C 527 7.39 16.91 12.22
CA ARG C 527 7.32 18.25 12.79
C ARG C 527 8.48 19.09 12.24
N VAL C 528 8.13 20.21 11.61
CA VAL C 528 9.10 21.01 10.87
C VAL C 528 9.18 22.39 11.50
N VAL C 529 10.39 22.85 11.75
CA VAL C 529 10.67 24.19 12.26
C VAL C 529 11.52 24.91 11.22
N VAL C 530 11.03 26.04 10.72
CA VAL C 530 11.70 26.83 9.69
C VAL C 530 12.16 28.13 10.33
N LEU C 531 13.46 28.39 10.28
CA LEU C 531 14.06 29.56 10.91
C LEU C 531 14.41 30.58 9.83
N SER C 532 13.99 31.82 10.04
CA SER C 532 14.28 32.92 9.13
C SER C 532 15.20 33.91 9.83
N PHE C 533 16.21 34.39 9.12
CA PHE C 533 17.17 35.32 9.70
C PHE C 533 17.11 36.68 9.01
N ALA C 540 20.73 43.69 15.09
CA ALA C 540 21.68 42.82 15.77
C ALA C 540 21.20 42.48 17.18
N THR C 541 19.89 42.23 17.31
CA THR C 541 19.32 41.94 18.62
C THR C 541 19.45 40.48 19.00
N VAL C 542 19.84 39.60 18.08
CA VAL C 542 20.01 38.18 18.37
C VAL C 542 21.41 37.77 17.95
N CYS C 543 22.37 37.94 18.84
CA CYS C 543 23.76 37.60 18.53
C CYS C 543 24.15 36.36 19.34
N GLY C 544 24.96 35.51 18.72
CA GLY C 544 25.36 34.26 19.33
C GLY C 544 26.32 34.42 20.49
N VAL D 25 -23.66 -30.83 -11.61
CA VAL D 25 -22.49 -30.01 -11.88
C VAL D 25 -21.22 -30.85 -11.83
N THR D 26 -20.44 -30.80 -12.91
CA THR D 26 -19.24 -31.61 -13.01
C THR D 26 -18.18 -30.81 -13.76
N LEU D 27 -16.96 -30.79 -13.20
CA LEU D 27 -15.82 -30.13 -13.82
C LEU D 27 -14.70 -31.16 -13.97
N LYS D 28 -14.13 -31.24 -15.17
CA LYS D 28 -13.08 -32.20 -15.46
C LYS D 28 -11.91 -31.50 -16.13
N GLU D 29 -10.71 -31.74 -15.63
CA GLU D 29 -9.52 -31.19 -16.24
C GLU D 29 -8.92 -32.17 -17.25
N SER D 30 -7.94 -31.70 -18.02
CA SER D 30 -7.26 -32.57 -18.95
C SER D 30 -6.34 -33.53 -18.21
N GLY D 31 -5.83 -34.52 -18.93
CA GLY D 31 -5.00 -35.55 -18.34
C GLY D 31 -3.66 -35.04 -17.86
N PRO D 32 -3.00 -35.82 -17.01
CA PRO D 32 -1.68 -35.40 -16.49
C PRO D 32 -0.66 -35.33 -17.63
N VAL D 33 0.30 -34.42 -17.48
CA VAL D 33 1.30 -34.19 -18.50
C VAL D 33 2.66 -34.02 -17.84
N LEU D 34 3.71 -34.28 -18.60
CA LEU D 34 5.08 -34.04 -18.19
C LEU D 34 5.72 -33.03 -19.14
N LEU D 35 6.32 -31.98 -18.59
CA LEU D 35 6.87 -30.91 -19.37
C LEU D 35 8.32 -30.66 -19.00
N LYS D 36 9.10 -30.21 -19.97
CA LYS D 36 10.45 -29.76 -19.71
C LYS D 36 10.42 -28.39 -19.04
N PRO D 37 11.48 -28.02 -18.31
CA PRO D 37 11.54 -26.68 -17.74
C PRO D 37 11.55 -25.61 -18.81
N THR D 38 11.10 -24.41 -18.44
CA THR D 38 10.95 -23.24 -19.30
C THR D 38 9.93 -23.45 -20.41
N GLU D 39 9.18 -24.55 -20.41
CA GLU D 39 8.13 -24.75 -21.40
C GLU D 39 6.88 -23.96 -21.00
N THR D 40 5.86 -24.07 -21.83
CA THR D 40 4.58 -23.41 -21.60
C THR D 40 3.51 -24.46 -21.36
N LEU D 41 2.88 -24.39 -20.19
CA LEU D 41 1.81 -25.32 -19.85
C LEU D 41 0.48 -24.85 -20.40
N THR D 42 -0.38 -25.81 -20.78
CA THR D 42 -1.73 -25.51 -21.22
C THR D 42 -2.67 -26.56 -20.66
N LEU D 43 -3.68 -26.10 -19.92
CA LEU D 43 -4.63 -26.99 -19.27
C LEU D 43 -6.05 -26.61 -19.68
N THR D 44 -6.88 -27.61 -19.89
CA THR D 44 -8.25 -27.43 -20.33
C THR D 44 -9.22 -28.03 -19.33
N CYS D 45 -10.26 -27.27 -18.99
CA CYS D 45 -11.30 -27.71 -18.07
C CYS D 45 -12.63 -27.72 -18.80
N THR D 46 -13.33 -28.85 -18.74
CA THR D 46 -14.64 -29.00 -19.34
C THR D 46 -15.70 -29.03 -18.25
N VAL D 47 -16.71 -28.18 -18.37
CA VAL D 47 -17.74 -28.05 -17.36
C VAL D 47 -19.05 -28.61 -17.90
N SER D 48 -19.91 -29.05 -16.98
CA SER D 48 -21.22 -29.56 -17.34
C SER D 48 -22.16 -29.32 -16.18
N GLY D 49 -23.46 -29.31 -16.47
CA GLY D 49 -24.47 -29.00 -15.49
C GLY D 49 -24.73 -27.53 -15.29
N PHE D 50 -23.89 -26.65 -15.85
CA PHE D 50 -24.12 -25.22 -15.82
C PHE D 50 -23.45 -24.60 -17.04
N SER D 51 -23.93 -23.42 -17.42
CA SER D 51 -23.43 -22.72 -18.58
C SER D 51 -22.46 -21.63 -18.16
N LEU D 52 -21.37 -21.49 -18.92
CA LEU D 52 -20.37 -20.47 -18.62
C LEU D 52 -20.94 -19.06 -18.78
N SER D 53 -22.06 -18.91 -19.49
CA SER D 53 -22.67 -17.60 -19.68
C SER D 53 -23.52 -17.18 -18.49
N ASN D 54 -23.69 -18.05 -17.50
CA ASN D 54 -24.46 -17.69 -16.31
C ASN D 54 -23.69 -16.65 -15.51
N VAL D 55 -24.35 -15.51 -15.22
CA VAL D 55 -23.70 -14.40 -14.55
C VAL D 55 -23.31 -14.75 -13.12
N GLY D 56 -24.04 -15.65 -12.48
CA GLY D 56 -23.85 -15.90 -11.06
C GLY D 56 -22.67 -16.78 -10.72
N MET D 57 -22.00 -17.36 -11.72
CA MET D 57 -20.92 -18.30 -11.42
C MET D 57 -19.77 -18.09 -12.39
N GLY D 58 -18.56 -18.43 -11.92
CA GLY D 58 -17.37 -18.39 -12.74
C GLY D 58 -16.53 -19.62 -12.49
N VAL D 59 -15.39 -19.67 -13.19
CA VAL D 59 -14.48 -20.80 -13.12
C VAL D 59 -13.09 -20.30 -12.73
N SER D 60 -12.46 -21.02 -11.81
CA SER D 60 -11.16 -20.63 -11.29
C SER D 60 -10.24 -21.84 -11.27
N TRP D 61 -8.94 -21.57 -11.15
CA TRP D 61 -7.91 -22.60 -11.12
C TRP D 61 -7.10 -22.50 -9.84
N ILE D 62 -6.94 -23.63 -9.15
CA ILE D 62 -6.18 -23.72 -7.91
C ILE D 62 -5.20 -24.87 -8.04
N ARG D 63 -3.98 -24.68 -7.57
CA ARG D 63 -2.95 -25.70 -7.62
C ARG D 63 -2.46 -26.02 -6.21
N GLN D 64 -2.07 -27.28 -6.01
CA GLN D 64 -1.61 -27.76 -4.71
C GLN D 64 -0.33 -28.55 -4.90
N PRO D 65 0.81 -27.99 -4.49
CA PRO D 65 2.06 -28.75 -4.56
C PRO D 65 1.98 -29.97 -3.66
N PRO D 66 2.69 -31.04 -4.02
CA PRO D 66 2.59 -32.29 -3.24
C PRO D 66 2.99 -32.07 -1.78
N GLY D 67 2.02 -32.26 -0.89
CA GLY D 67 2.25 -32.13 0.53
C GLY D 67 2.27 -30.72 1.07
N LYS D 68 1.74 -29.75 0.32
CA LYS D 68 1.74 -28.36 0.74
C LYS D 68 0.35 -27.75 0.55
N ALA D 69 0.22 -26.47 0.89
CA ALA D 69 -1.06 -25.80 0.92
C ALA D 69 -1.56 -25.46 -0.48
N LEU D 70 -2.84 -25.13 -0.55
CA LEU D 70 -3.46 -24.75 -1.83
C LEU D 70 -3.01 -23.35 -2.23
N GLU D 71 -3.06 -23.10 -3.53
CA GLU D 71 -2.66 -21.81 -4.10
C GLU D 71 -3.58 -21.46 -5.25
N TRP D 72 -4.34 -20.38 -5.09
CA TRP D 72 -5.23 -19.92 -6.15
C TRP D 72 -4.42 -19.26 -7.27
N LEU D 73 -4.79 -19.54 -8.51
CA LEU D 73 -4.02 -19.08 -9.67
C LEU D 73 -4.77 -18.06 -10.51
N ALA D 74 -5.95 -18.43 -11.03
CA ALA D 74 -6.63 -17.58 -12.00
C ALA D 74 -8.13 -17.64 -11.76
N ASP D 75 -8.86 -16.86 -12.55
CA ASP D 75 -10.29 -16.68 -12.33
C ASP D 75 -10.89 -16.01 -13.55
N ILE D 76 -11.98 -16.57 -14.07
CA ILE D 76 -12.69 -16.01 -15.21
C ILE D 76 -14.18 -16.10 -14.93
N PHE D 77 -14.95 -15.18 -15.51
CA PHE D 77 -16.36 -15.05 -15.21
C PHE D 77 -17.20 -15.05 -16.49
N SER D 78 -18.49 -14.78 -16.32
CA SER D 78 -19.45 -14.94 -17.40
C SER D 78 -19.22 -13.96 -18.54
N ASN D 79 -18.72 -12.76 -18.24
CA ASN D 79 -18.50 -11.73 -19.26
C ASN D 79 -17.04 -11.33 -19.36
N ASP D 80 -16.12 -12.27 -19.24
CA ASP D 80 -14.73 -12.15 -19.65
C ASP D 80 -13.89 -11.23 -18.76
N GLU D 81 -14.37 -10.83 -17.59
CA GLU D 81 -13.44 -10.25 -16.62
C GLU D 81 -12.60 -11.36 -16.01
N LYS D 82 -11.31 -11.09 -15.87
CA LYS D 82 -10.34 -12.10 -15.50
C LYS D 82 -9.53 -11.61 -14.31
N SER D 83 -9.14 -12.54 -13.45
CA SER D 83 -8.32 -12.22 -12.30
C SER D 83 -7.21 -13.25 -12.20
N TYR D 84 -6.04 -12.79 -11.74
CA TYR D 84 -4.86 -13.64 -11.65
C TYR D 84 -4.17 -13.43 -10.32
N SER D 85 -3.37 -14.41 -9.92
CA SER D 85 -2.54 -14.27 -8.74
C SER D 85 -1.56 -13.12 -8.95
N THR D 86 -1.38 -12.30 -7.90
CA THR D 86 -0.58 -11.10 -8.03
C THR D 86 0.87 -11.43 -8.37
N SER D 87 1.44 -12.45 -7.71
CA SER D 87 2.82 -12.82 -7.96
C SER D 87 3.00 -13.57 -9.27
N LEU D 88 1.92 -14.14 -9.81
CA LEU D 88 1.99 -14.92 -11.04
C LEU D 88 1.15 -14.33 -12.16
N LYS D 89 0.80 -13.05 -12.09
CA LYS D 89 -0.04 -12.44 -13.11
C LYS D 89 0.62 -12.43 -14.48
N SER D 90 1.93 -12.15 -14.52
CA SER D 90 2.63 -12.06 -15.80
C SER D 90 2.68 -13.41 -16.52
N ARG D 91 2.88 -14.50 -15.78
CA ARG D 91 3.05 -15.81 -16.40
C ARG D 91 1.71 -16.43 -16.79
N LEU D 92 0.66 -16.15 -16.03
CA LEU D 92 -0.61 -16.82 -16.24
C LEU D 92 -1.43 -16.17 -17.35
N THR D 93 -2.32 -16.95 -17.92
CA THR D 93 -3.26 -16.49 -18.94
C THR D 93 -4.41 -17.48 -19.03
N ILE D 94 -5.63 -16.98 -18.86
CA ILE D 94 -6.82 -17.80 -18.83
C ILE D 94 -7.79 -17.31 -19.91
N SER D 95 -8.56 -18.24 -20.47
CA SER D 95 -9.56 -17.89 -21.47
C SER D 95 -10.67 -18.94 -21.42
N ARG D 96 -11.80 -18.59 -22.04
CA ARG D 96 -12.96 -19.47 -22.04
C ARG D 96 -13.58 -19.47 -23.43
N ASP D 97 -14.51 -20.41 -23.63
CA ASP D 97 -15.29 -20.46 -24.87
C ASP D 97 -16.62 -21.13 -24.52
N THR D 98 -17.71 -20.38 -24.66
CA THR D 98 -19.03 -20.87 -24.27
C THR D 98 -19.58 -21.89 -25.25
N SER D 99 -18.99 -22.00 -26.44
CA SER D 99 -19.55 -22.89 -27.46
C SER D 99 -19.52 -24.35 -27.03
N LYS D 100 -18.44 -24.80 -26.39
CA LYS D 100 -18.36 -26.17 -25.90
C LYS D 100 -18.11 -26.22 -24.39
N SER D 101 -18.29 -25.10 -23.69
CA SER D 101 -18.16 -25.05 -22.23
C SER D 101 -16.78 -25.51 -21.78
N GLN D 102 -15.75 -24.79 -22.21
CA GLN D 102 -14.37 -25.10 -21.85
C GLN D 102 -13.65 -23.86 -21.38
N VAL D 103 -12.80 -24.03 -20.37
CA VAL D 103 -11.95 -22.97 -19.85
C VAL D 103 -10.50 -23.44 -19.95
N VAL D 104 -9.65 -22.60 -20.52
CA VAL D 104 -8.27 -22.95 -20.81
C VAL D 104 -7.34 -22.09 -19.97
N LEU D 105 -6.40 -22.72 -19.29
CA LEU D 105 -5.36 -22.02 -18.55
C LEU D 105 -4.00 -22.29 -19.17
N SER D 106 -3.19 -21.25 -19.29
CA SER D 106 -1.85 -21.36 -19.84
C SER D 106 -0.85 -20.65 -18.94
N MET D 107 0.27 -21.32 -18.67
CA MET D 107 1.34 -20.78 -17.85
C MET D 107 2.63 -20.82 -18.67
N THR D 108 3.32 -19.69 -18.74
CA THR D 108 4.55 -19.60 -19.50
C THR D 108 5.75 -19.66 -18.56
N ASN D 109 6.88 -20.15 -19.11
CA ASN D 109 8.14 -20.29 -18.37
C ASN D 109 7.93 -21.16 -17.13
N MET D 110 7.60 -22.42 -17.39
CA MET D 110 7.32 -23.36 -16.31
C MET D 110 8.62 -23.75 -15.61
N ASP D 111 8.61 -23.68 -14.29
CA ASP D 111 9.75 -24.01 -13.45
C ASP D 111 9.58 -25.40 -12.85
N PRO D 112 10.67 -26.06 -12.47
CA PRO D 112 10.53 -27.37 -11.80
C PRO D 112 9.75 -27.31 -10.50
N VAL D 113 9.78 -26.18 -9.79
CA VAL D 113 9.00 -26.02 -8.58
C VAL D 113 7.50 -26.04 -8.84
N ASP D 114 7.06 -25.62 -10.04
CA ASP D 114 5.64 -25.52 -10.35
C ASP D 114 4.95 -26.86 -10.46
N THR D 115 5.64 -27.98 -10.22
CA THR D 115 4.97 -29.28 -10.25
C THR D 115 3.95 -29.37 -9.11
N ALA D 116 2.70 -29.65 -9.47
CA ALA D 116 1.61 -29.63 -8.49
C ALA D 116 0.38 -30.28 -9.10
N THR D 117 -0.63 -30.48 -8.25
CA THR D 117 -1.93 -30.93 -8.71
C THR D 117 -2.83 -29.73 -8.98
N TYR D 118 -3.29 -29.60 -10.21
CA TYR D 118 -4.05 -28.44 -10.65
C TYR D 118 -5.54 -28.74 -10.64
N TYR D 119 -6.29 -27.95 -9.88
CA TYR D 119 -7.72 -28.16 -9.69
C TYR D 119 -8.50 -27.11 -10.47
N CYS D 120 -9.58 -27.56 -11.11
CA CYS D 120 -10.55 -26.66 -11.73
C CYS D 120 -11.78 -26.61 -10.84
N ALA D 121 -12.17 -25.40 -10.44
CA ALA D 121 -13.25 -25.23 -9.48
C ALA D 121 -14.24 -24.21 -10.00
N ARG D 122 -15.48 -24.32 -9.53
CA ARG D 122 -16.53 -23.37 -9.89
C ARG D 122 -16.65 -22.30 -8.83
N LEU D 123 -16.44 -21.04 -9.21
CA LEU D 123 -16.65 -19.93 -8.30
C LEU D 123 -18.12 -19.54 -8.34
N ALA D 124 -18.92 -20.17 -7.47
CA ALA D 124 -20.34 -19.89 -7.40
C ALA D 124 -20.73 -19.69 -5.95
N ASN D 125 -21.84 -18.99 -5.75
CA ASN D 125 -22.36 -18.73 -4.41
C ASN D 125 -23.29 -19.86 -4.02
N TYR D 126 -22.91 -20.62 -2.99
CA TYR D 126 -23.91 -21.37 -2.25
C TYR D 126 -24.93 -20.38 -1.68
N ASP D 127 -26.08 -20.90 -1.26
CA ASP D 127 -27.20 -20.03 -0.91
C ASP D 127 -27.60 -19.21 -2.14
N PHE D 128 -27.63 -19.89 -3.29
CA PHE D 128 -27.89 -19.23 -4.57
C PHE D 128 -29.32 -18.72 -4.68
N TRP D 129 -30.24 -19.21 -3.84
CA TRP D 129 -31.59 -18.67 -3.84
C TRP D 129 -31.64 -17.25 -3.31
N SER D 130 -30.57 -16.78 -2.68
CA SER D 130 -30.48 -15.39 -2.24
C SER D 130 -29.73 -14.50 -3.21
N GLY D 131 -29.31 -15.03 -4.35
CA GLY D 131 -28.59 -14.25 -5.33
C GLY D 131 -27.14 -14.65 -5.47
N TYR D 132 -26.29 -13.72 -5.89
CA TYR D 132 -24.86 -13.98 -6.02
C TYR D 132 -24.09 -12.74 -5.66
N SER D 133 -22.85 -12.94 -5.19
CA SER D 133 -21.96 -11.84 -4.85
C SER D 133 -20.53 -12.29 -5.12
N ARG D 134 -19.85 -11.57 -5.99
CA ARG D 134 -18.50 -11.97 -6.41
C ARG D 134 -17.47 -11.81 -5.30
N PHE D 135 -17.74 -10.96 -4.30
CA PHE D 135 -16.84 -10.84 -3.16
C PHE D 135 -16.90 -12.10 -2.29
N SER D 136 -18.10 -12.65 -2.09
CA SER D 136 -18.26 -13.79 -1.20
C SER D 136 -18.42 -15.12 -1.94
N ALA D 137 -18.13 -15.16 -3.24
CA ALA D 137 -18.20 -16.41 -3.97
C ALA D 137 -17.11 -17.37 -3.47
N GLN D 138 -17.44 -18.66 -3.48
CA GLN D 138 -16.54 -19.68 -2.98
C GLN D 138 -16.50 -20.86 -3.95
N PHE D 139 -15.44 -21.67 -3.83
CA PHE D 139 -15.24 -22.83 -4.69
C PHE D 139 -16.14 -23.98 -4.21
N ASP D 140 -17.42 -23.86 -4.54
CA ASP D 140 -18.40 -24.84 -4.07
C ASP D 140 -18.29 -26.18 -4.78
N ASN D 141 -17.76 -26.21 -6.00
CA ASN D 141 -17.56 -27.46 -6.72
C ASN D 141 -16.13 -27.52 -7.22
N TRP D 142 -15.50 -28.69 -7.08
CA TRP D 142 -14.11 -28.89 -7.46
C TRP D 142 -14.00 -30.05 -8.43
N GLY D 143 -13.00 -29.99 -9.30
CA GLY D 143 -12.67 -31.13 -10.13
C GLY D 143 -11.78 -32.11 -9.39
N GLN D 144 -11.59 -33.27 -10.01
CA GLN D 144 -10.73 -34.28 -9.41
C GLN D 144 -9.26 -33.90 -9.48
N GLY D 145 -8.89 -32.92 -10.30
CA GLY D 145 -7.53 -32.46 -10.37
C GLY D 145 -6.69 -33.26 -11.35
N THR D 146 -5.62 -32.62 -11.83
CA THR D 146 -4.65 -33.24 -12.70
C THR D 146 -3.24 -32.93 -12.20
N LEU D 147 -2.32 -33.88 -12.40
CA LEU D 147 -0.98 -33.75 -11.89
C LEU D 147 -0.05 -33.30 -13.01
N VAL D 148 0.62 -32.17 -12.80
CA VAL D 148 1.57 -31.62 -13.77
C VAL D 148 2.97 -31.75 -13.19
N THR D 149 3.88 -32.35 -13.95
CA THR D 149 5.25 -32.58 -13.53
C THR D 149 6.20 -31.85 -14.46
N VAL D 150 7.10 -31.06 -13.87
CA VAL D 150 8.12 -30.34 -14.61
C VAL D 150 9.47 -30.91 -14.20
N SER D 151 10.17 -31.53 -15.15
CA SER D 151 11.46 -32.15 -14.87
C SER D 151 12.20 -32.35 -16.19
N SER D 152 13.49 -32.62 -16.08
CA SER D 152 14.32 -32.87 -17.24
C SER D 152 14.03 -34.26 -17.82
N GLN E 20 4.72 -18.62 1.08
CA GLN E 20 3.89 -18.40 2.26
C GLN E 20 2.48 -17.96 1.85
N SER E 21 1.55 -18.01 2.81
CA SER E 21 0.16 -17.66 2.58
C SER E 21 -0.22 -16.44 3.40
N VAL E 22 -1.11 -15.62 2.85
CA VAL E 22 -1.54 -14.40 3.53
C VAL E 22 -2.28 -14.73 4.82
N LEU E 23 -3.18 -15.72 4.77
CA LEU E 23 -3.88 -16.15 5.98
C LEU E 23 -3.05 -17.20 6.71
N THR E 24 -3.08 -17.13 8.04
CA THR E 24 -2.25 -17.98 8.88
C THR E 24 -3.12 -18.94 9.69
N GLN E 25 -2.70 -20.19 9.75
CA GLN E 25 -3.36 -21.23 10.50
C GLN E 25 -2.32 -22.01 11.30
N PRO E 26 -2.68 -22.69 12.42
CA PRO E 26 -1.72 -23.55 13.10
C PRO E 26 -1.47 -24.75 12.20
N PRO E 27 -0.21 -25.23 12.09
CA PRO E 27 0.09 -26.32 11.18
C PRO E 27 -0.78 -27.54 11.43
N SER E 28 -1.12 -27.82 12.70
CA SER E 28 -1.88 -29.05 13.02
C SER E 28 -2.59 -28.91 14.37
N VAL E 29 -3.68 -29.67 14.58
CA VAL E 29 -4.39 -29.66 15.89
C VAL E 29 -4.68 -31.12 16.27
N SER E 30 -4.91 -31.39 17.56
CA SER E 30 -5.21 -32.75 17.98
C SER E 30 -6.28 -32.73 19.06
N GLY E 31 -6.99 -33.84 19.19
CA GLY E 31 -8.02 -33.98 20.20
C GLY E 31 -8.49 -35.41 20.32
N ALA E 32 -9.07 -35.71 21.47
CA ALA E 32 -9.62 -37.02 21.74
C ALA E 32 -11.02 -37.14 21.15
N PRO E 33 -11.46 -38.36 20.83
CA PRO E 33 -12.81 -38.53 20.28
C PRO E 33 -13.87 -38.02 21.25
N GLY E 34 -14.89 -37.38 20.70
CA GLY E 34 -15.96 -36.84 21.52
C GLY E 34 -15.62 -35.55 22.23
N GLN E 35 -14.46 -34.96 21.95
CA GLN E 35 -14.01 -33.74 22.61
C GLN E 35 -13.95 -32.61 21.60
N ARG E 36 -14.31 -31.41 22.05
CA ARG E 36 -14.36 -30.26 21.16
C ARG E 36 -12.96 -29.85 20.72
N VAL E 37 -12.83 -29.51 19.44
CA VAL E 37 -11.58 -29.06 18.84
C VAL E 37 -11.85 -27.79 18.05
N THR E 38 -10.95 -26.82 18.16
CA THR E 38 -11.13 -25.55 17.48
C THR E 38 -9.90 -25.23 16.64
N ILE E 39 -10.14 -24.68 15.45
CA ILE E 39 -9.09 -24.28 14.52
C ILE E 39 -9.28 -22.81 14.20
N SER E 40 -8.23 -22.02 14.33
CA SER E 40 -8.29 -20.58 14.14
C SER E 40 -7.66 -20.16 12.83
N CYS E 41 -8.05 -18.97 12.36
CA CYS E 41 -7.52 -18.37 11.15
C CYS E 41 -7.39 -16.87 11.39
N THR E 42 -6.25 -16.32 10.97
CA THR E 42 -5.95 -14.92 11.20
C THR E 42 -5.69 -14.21 9.87
N GLY E 43 -6.13 -12.97 9.79
CA GLY E 43 -6.01 -12.21 8.56
C GLY E 43 -5.34 -10.87 8.74
N SER E 44 -5.26 -10.09 7.65
CA SER E 44 -4.58 -8.81 7.64
C SER E 44 -5.62 -7.68 7.73
N SER E 45 -5.14 -6.45 7.53
CA SER E 45 -6.06 -5.32 7.47
C SER E 45 -7.04 -5.45 6.30
N SER E 46 -6.57 -5.99 5.18
CA SER E 46 -7.44 -6.37 4.09
C SER E 46 -8.06 -7.73 4.39
N ASN E 47 -8.69 -8.33 3.38
CA ASN E 47 -9.40 -9.61 3.49
C ASN E 47 -10.25 -9.69 4.76
N ILE E 48 -9.87 -10.54 5.72
CA ILE E 48 -10.71 -10.74 6.91
C ILE E 48 -10.89 -9.43 7.67
N GLY E 49 -9.83 -8.62 7.76
CA GLY E 49 -9.94 -7.34 8.45
C GLY E 49 -10.83 -6.34 7.74
N ALA E 50 -11.07 -6.52 6.45
CA ALA E 50 -11.91 -5.63 5.68
C ALA E 50 -13.38 -6.05 5.68
N GLY E 51 -13.74 -7.04 6.48
CA GLY E 51 -15.11 -7.52 6.53
C GLY E 51 -15.46 -8.60 5.54
N TYR E 52 -14.48 -9.11 4.80
CA TYR E 52 -14.76 -10.15 3.82
C TYR E 52 -15.03 -11.48 4.53
N ASP E 53 -15.93 -12.27 3.96
CA ASP E 53 -16.34 -13.52 4.58
C ASP E 53 -15.23 -14.56 4.51
N VAL E 54 -15.30 -15.53 5.43
CA VAL E 54 -14.32 -16.60 5.54
C VAL E 54 -15.02 -17.92 5.24
N HIS E 55 -14.43 -18.72 4.36
CA HIS E 55 -14.96 -20.02 4.00
C HIS E 55 -13.97 -21.10 4.40
N TRP E 56 -14.50 -22.27 4.76
CA TRP E 56 -13.68 -23.38 5.22
C TRP E 56 -13.87 -24.58 4.32
N TYR E 57 -12.77 -25.29 4.06
CA TYR E 57 -12.77 -26.46 3.18
C TYR E 57 -12.16 -27.65 3.90
N GLN E 58 -12.57 -28.85 3.50
CA GLN E 58 -12.03 -30.09 4.05
C GLN E 58 -11.44 -30.92 2.92
N GLN E 59 -10.21 -31.39 3.12
CA GLN E 59 -9.51 -32.18 2.10
C GLN E 59 -9.06 -33.50 2.72
N LEU E 60 -9.86 -34.55 2.50
CA LEU E 60 -9.47 -35.88 2.93
C LEU E 60 -8.29 -36.38 2.10
N PRO E 61 -7.48 -37.29 2.65
CA PRO E 61 -6.30 -37.76 1.92
C PRO E 61 -6.66 -38.36 0.57
N GLY E 62 -5.89 -37.96 -0.45
CA GLY E 62 -6.15 -38.42 -1.80
C GLY E 62 -7.50 -38.01 -2.35
N THR E 63 -7.98 -36.83 -1.99
CA THR E 63 -9.28 -36.35 -2.44
C THR E 63 -9.23 -34.83 -2.64
N ALA E 64 -10.06 -34.35 -3.55
CA ALA E 64 -10.16 -32.92 -3.79
C ALA E 64 -10.80 -32.23 -2.60
N PRO E 65 -10.49 -30.96 -2.38
CA PRO E 65 -11.10 -30.23 -1.25
C PRO E 65 -12.60 -30.14 -1.40
N LYS E 66 -13.28 -30.15 -0.26
CA LYS E 66 -14.73 -30.10 -0.19
C LYS E 66 -15.16 -28.90 0.64
N LEU E 67 -16.12 -28.14 0.13
CA LEU E 67 -16.65 -27.00 0.88
C LEU E 67 -17.28 -27.48 2.18
N LEU E 68 -16.93 -26.82 3.28
CA LEU E 68 -17.40 -27.19 4.61
C LEU E 68 -18.18 -26.09 5.29
N ILE E 69 -17.80 -24.84 5.09
CA ILE E 69 -18.47 -23.69 5.68
C ILE E 69 -18.47 -22.59 4.62
N TYR E 70 -19.61 -22.34 3.99
CA TYR E 70 -19.64 -21.44 2.84
C TYR E 70 -19.77 -19.97 3.21
N ASP E 71 -20.06 -19.67 4.46
CA ASP E 71 -20.01 -18.31 4.98
C ASP E 71 -19.86 -18.42 6.49
N ASN E 72 -19.43 -17.33 7.11
CA ASN E 72 -19.27 -17.31 8.56
C ASN E 72 -20.50 -17.91 9.22
N ASN E 73 -20.28 -19.00 9.98
CA ASN E 73 -21.29 -19.81 10.64
C ASN E 73 -22.39 -20.32 9.72
N ASN E 74 -22.13 -20.42 8.42
CA ASN E 74 -23.07 -20.98 7.45
C ASN E 74 -22.55 -22.31 6.93
N ARG E 75 -23.42 -23.31 6.89
CA ARG E 75 -23.01 -24.68 6.65
C ARG E 75 -23.78 -25.28 5.47
N PRO E 76 -23.09 -25.89 4.50
CA PRO E 76 -23.78 -26.51 3.37
C PRO E 76 -24.56 -27.74 3.80
N SER E 77 -25.41 -28.22 2.90
CA SER E 77 -26.17 -29.43 3.15
C SER E 77 -25.27 -30.66 3.06
N GLY E 78 -25.51 -31.62 3.93
CA GLY E 78 -24.67 -32.81 4.03
C GLY E 78 -23.54 -32.72 5.03
N VAL E 79 -23.19 -31.52 5.48
CA VAL E 79 -22.18 -31.33 6.51
C VAL E 79 -22.87 -31.44 7.88
N PRO E 80 -22.39 -32.30 8.77
CA PRO E 80 -23.05 -32.46 10.06
C PRO E 80 -22.98 -31.18 10.90
N ASP E 81 -23.98 -31.03 11.77
CA ASP E 81 -24.12 -29.80 12.55
C ASP E 81 -23.03 -29.62 13.60
N ARG E 82 -22.20 -30.63 13.83
CA ARG E 82 -21.09 -30.48 14.78
C ARG E 82 -20.00 -29.54 14.27
N PHE E 83 -20.04 -29.16 12.99
CA PHE E 83 -19.14 -28.16 12.45
C PHE E 83 -19.77 -26.78 12.58
N SER E 84 -19.02 -25.83 13.11
CA SER E 84 -19.50 -24.47 13.27
C SER E 84 -18.33 -23.51 13.14
N GLY E 85 -18.63 -22.27 12.78
CA GLY E 85 -17.60 -21.27 12.58
C GLY E 85 -18.04 -19.92 13.12
N SER E 86 -17.08 -19.01 13.20
CA SER E 86 -17.33 -17.67 13.69
C SER E 86 -16.25 -16.73 13.14
N LYS E 87 -16.55 -15.44 13.20
CA LYS E 87 -15.59 -14.42 12.77
C LYS E 87 -15.59 -13.28 13.78
N SER E 88 -14.41 -12.76 14.08
CA SER E 88 -14.28 -11.68 15.05
C SER E 88 -13.06 -10.85 14.67
N GLY E 89 -13.29 -9.62 14.20
CA GLY E 89 -12.19 -8.76 13.81
C GLY E 89 -11.40 -9.37 12.66
N THR E 90 -10.08 -9.36 12.79
CA THR E 90 -9.20 -9.93 11.78
C THR E 90 -8.94 -11.41 11.98
N SER E 91 -9.81 -12.10 12.72
CA SER E 91 -9.62 -13.51 13.00
C SER E 91 -10.93 -14.25 12.82
N ALA E 92 -10.83 -15.52 12.44
CA ALA E 92 -11.98 -16.41 12.32
C ALA E 92 -11.58 -17.79 12.81
N SER E 93 -12.56 -18.55 13.29
CA SER E 93 -12.28 -19.85 13.87
C SER E 93 -13.31 -20.87 13.42
N LEU E 94 -12.88 -22.13 13.36
CA LEU E 94 -13.74 -23.26 13.08
C LEU E 94 -13.78 -24.17 14.29
N ALA E 95 -15.00 -24.52 14.73
CA ALA E 95 -15.20 -25.30 15.93
C ALA E 95 -15.89 -26.60 15.58
N ILE E 96 -15.37 -27.71 16.09
CA ILE E 96 -15.96 -29.04 15.89
C ILE E 96 -16.39 -29.54 17.25
N THR E 97 -17.69 -29.70 17.45
CA THR E 97 -18.22 -30.12 18.75
C THR E 97 -17.83 -31.55 19.07
N GLY E 98 -18.25 -32.51 18.24
CA GLY E 98 -17.81 -33.87 18.40
C GLY E 98 -16.47 -34.09 17.73
N LEU E 99 -16.08 -35.36 17.68
CA LEU E 99 -14.86 -35.76 16.98
C LEU E 99 -14.95 -37.24 16.66
N GLN E 100 -15.03 -37.56 15.38
CA GLN E 100 -15.16 -38.94 14.93
C GLN E 100 -13.92 -39.34 14.16
N ALA E 101 -13.95 -40.57 13.63
CA ALA E 101 -12.81 -41.08 12.88
C ALA E 101 -12.57 -40.28 11.60
N GLU E 102 -13.66 -39.90 10.91
CA GLU E 102 -13.54 -39.21 9.63
C GLU E 102 -13.00 -37.79 9.76
N ASP E 103 -12.99 -37.22 10.97
CA ASP E 103 -12.45 -35.87 11.18
C ASP E 103 -10.93 -35.93 11.33
N GLU E 104 -10.27 -36.27 10.21
CA GLU E 104 -8.82 -36.39 10.22
C GLU E 104 -8.19 -35.77 8.97
N ALA E 105 -8.87 -34.82 8.35
CA ALA E 105 -8.42 -34.24 7.10
C ALA E 105 -7.77 -32.89 7.33
N ASP E 106 -7.36 -32.25 6.23
CA ASP E 106 -6.83 -30.90 6.30
C ASP E 106 -7.96 -29.89 6.15
N TYR E 107 -7.93 -28.84 6.97
CA TYR E 107 -8.95 -27.80 6.96
C TYR E 107 -8.30 -26.49 6.52
N TYR E 108 -8.84 -25.88 5.48
CA TYR E 108 -8.25 -24.70 4.86
C TYR E 108 -9.14 -23.49 5.07
N CYS E 109 -8.56 -22.41 5.59
CA CYS E 109 -9.20 -21.12 5.67
C CYS E 109 -9.08 -20.41 4.33
N GLN E 110 -10.14 -19.68 3.94
CA GLN E 110 -10.14 -18.99 2.67
C GLN E 110 -10.96 -17.71 2.78
N SER E 111 -10.53 -16.68 2.07
CA SER E 111 -11.20 -15.39 2.09
C SER E 111 -10.78 -14.60 0.86
N PHE E 112 -11.52 -13.54 0.59
CA PHE E 112 -11.22 -12.65 -0.52
C PHE E 112 -10.33 -11.50 -0.07
N ASP E 113 -9.25 -11.27 -0.80
CA ASP E 113 -8.28 -10.23 -0.49
C ASP E 113 -8.40 -9.12 -1.52
N SER E 114 -8.56 -7.89 -1.05
CA SER E 114 -8.84 -6.74 -1.91
C SER E 114 -7.65 -5.83 -2.12
N SER E 115 -6.45 -6.24 -1.73
CA SER E 115 -5.26 -5.40 -1.88
C SER E 115 -4.57 -5.62 -3.21
N SER E 116 -5.32 -5.52 -4.30
CA SER E 116 -4.76 -5.66 -5.63
C SER E 116 -5.74 -5.06 -6.64
N LEU E 117 -5.26 -4.85 -7.87
CA LEU E 117 -6.05 -4.18 -8.88
C LEU E 117 -7.32 -4.94 -9.24
N THR E 118 -7.26 -6.27 -9.39
CA THR E 118 -8.42 -7.06 -9.76
C THR E 118 -8.91 -7.95 -8.61
N GLY E 119 -8.34 -7.81 -7.42
CA GLY E 119 -8.73 -8.64 -6.30
C GLY E 119 -7.99 -9.96 -6.28
N SER E 120 -8.03 -10.65 -5.14
CA SER E 120 -7.36 -11.93 -5.01
C SER E 120 -8.09 -12.78 -3.97
N ARG E 121 -7.90 -14.09 -4.08
CA ARG E 121 -8.47 -15.04 -3.14
C ARG E 121 -7.32 -15.79 -2.46
N VAL E 122 -7.29 -15.75 -1.14
CA VAL E 122 -6.16 -16.20 -0.35
C VAL E 122 -6.58 -17.41 0.47
N PHE E 123 -5.78 -18.47 0.41
CA PHE E 123 -5.99 -19.65 1.23
C PHE E 123 -5.15 -19.59 2.50
N GLY E 124 -5.59 -20.34 3.50
CA GLY E 124 -4.81 -20.48 4.72
C GLY E 124 -3.69 -21.49 4.55
N GLY E 125 -2.87 -21.59 5.59
CA GLY E 125 -1.76 -22.53 5.56
C GLY E 125 -2.14 -23.99 5.65
N GLY E 126 -3.36 -24.29 6.08
CA GLY E 126 -3.78 -25.68 6.21
C GLY E 126 -3.49 -26.26 7.58
N THR E 127 -4.50 -26.85 8.20
CA THR E 127 -4.38 -27.44 9.53
C THR E 127 -4.65 -28.92 9.44
N LYS E 128 -3.72 -29.73 9.94
CA LYS E 128 -3.91 -31.18 9.98
C LYS E 128 -4.51 -31.59 11.31
N LEU E 129 -5.73 -32.12 11.26
CA LEU E 129 -6.43 -32.56 12.45
C LEU E 129 -6.24 -34.05 12.67
N THR E 130 -5.85 -34.42 13.88
CA THR E 130 -5.59 -35.82 14.22
C THR E 130 -6.41 -36.21 15.43
N VAL E 131 -6.89 -37.45 15.42
CA VAL E 131 -7.73 -37.99 16.49
C VAL E 131 -6.90 -38.98 17.29
N LEU E 132 -6.82 -38.75 18.60
CA LEU E 132 -6.03 -39.60 19.48
C LEU E 132 -6.84 -40.81 19.94
N LEU F 353 -41.94 -0.09 -20.67
CA LEU F 353 -41.71 -0.96 -19.51
C LEU F 353 -41.68 -0.15 -18.22
N CYS F 354 -40.51 -0.12 -17.58
CA CYS F 354 -40.30 0.64 -16.36
C CYS F 354 -38.90 1.24 -16.41
N PRO F 355 -38.72 2.46 -15.94
CA PRO F 355 -37.42 3.15 -16.09
C PRO F 355 -36.31 2.63 -15.17
N PHE F 356 -35.66 1.56 -15.62
CA PHE F 356 -34.44 1.07 -14.99
C PHE F 356 -33.18 1.61 -15.63
N ASP F 357 -33.24 2.05 -16.89
CA ASP F 357 -32.08 2.68 -17.51
C ASP F 357 -31.76 4.02 -16.86
N GLU F 358 -32.78 4.70 -16.35
CA GLU F 358 -32.56 5.95 -15.63
C GLU F 358 -31.85 5.74 -14.31
N VAL F 359 -31.80 4.52 -13.80
CA VAL F 359 -31.17 4.20 -12.53
C VAL F 359 -29.80 3.56 -12.73
N PHE F 360 -29.75 2.48 -13.52
CA PHE F 360 -28.51 1.74 -13.70
C PHE F 360 -27.57 2.34 -14.72
N ASN F 361 -28.10 3.11 -15.67
CA ASN F 361 -27.28 3.70 -16.72
C ASN F 361 -27.20 5.22 -16.62
N ALA F 362 -27.46 5.77 -15.43
CA ALA F 362 -27.32 7.21 -15.23
C ALA F 362 -25.87 7.63 -15.36
N THR F 363 -25.65 8.83 -15.90
CA THR F 363 -24.29 9.30 -16.12
C THR F 363 -23.56 9.57 -14.81
N ARG F 364 -24.23 10.19 -13.85
CA ARG F 364 -23.63 10.58 -12.59
C ARG F 364 -24.41 9.97 -11.43
N PHE F 365 -23.69 9.34 -10.51
CA PHE F 365 -24.28 8.79 -9.31
C PHE F 365 -24.03 9.71 -8.12
N ALA F 366 -24.93 9.66 -7.15
CA ALA F 366 -24.84 10.52 -5.99
C ALA F 366 -23.83 9.98 -4.98
N SER F 367 -23.38 10.86 -4.09
CA SER F 367 -22.51 10.44 -3.01
C SER F 367 -23.31 9.63 -1.98
N VAL F 368 -22.60 8.78 -1.24
CA VAL F 368 -23.28 7.89 -0.30
C VAL F 368 -23.96 8.69 0.81
N TYR F 369 -23.36 9.80 1.24
CA TYR F 369 -23.98 10.61 2.28
C TYR F 369 -25.22 11.34 1.77
N ALA F 370 -25.41 11.43 0.46
CA ALA F 370 -26.55 12.09 -0.16
C ALA F 370 -27.18 11.19 -1.21
N TRP F 371 -27.41 9.93 -0.84
CA TRP F 371 -27.85 8.92 -1.80
C TRP F 371 -29.19 9.30 -2.42
N ASN F 372 -29.36 8.95 -3.69
CA ASN F 372 -30.59 9.27 -4.39
C ASN F 372 -31.70 8.30 -4.00
N ARG F 373 -32.94 8.71 -4.29
CA ARG F 373 -34.12 7.92 -3.95
C ARG F 373 -35.16 8.19 -5.02
N LYS F 374 -35.47 7.18 -5.82
CA LYS F 374 -36.46 7.30 -6.88
C LYS F 374 -37.59 6.31 -6.62
N ARG F 375 -38.82 6.81 -6.66
CA ARG F 375 -39.99 5.95 -6.49
C ARG F 375 -40.37 5.29 -7.80
N ILE F 376 -40.55 3.98 -7.77
CA ILE F 376 -40.90 3.19 -8.95
C ILE F 376 -42.34 2.71 -8.78
N SER F 377 -43.20 3.10 -9.72
CA SER F 377 -44.61 2.74 -9.64
C SER F 377 -45.24 2.83 -11.02
N ASN F 378 -46.40 2.21 -11.15
CA ASN F 378 -47.21 2.25 -12.36
C ASN F 378 -46.44 1.76 -13.58
N CYS F 379 -45.70 0.66 -13.40
CA CYS F 379 -44.96 0.06 -14.50
C CYS F 379 -44.95 -1.45 -14.33
N VAL F 380 -44.60 -2.14 -15.41
CA VAL F 380 -44.31 -3.56 -15.38
C VAL F 380 -42.79 -3.70 -15.45
N ALA F 381 -42.23 -4.51 -14.56
CA ALA F 381 -40.78 -4.63 -14.42
C ALA F 381 -40.38 -6.09 -14.59
N ASP F 382 -39.45 -6.34 -15.50
CA ASP F 382 -38.96 -7.69 -15.76
C ASP F 382 -37.64 -7.87 -15.04
N TYR F 383 -37.74 -8.23 -13.75
CA TYR F 383 -36.55 -8.41 -12.93
C TYR F 383 -35.74 -9.63 -13.38
N SER F 384 -36.39 -10.60 -14.01
CA SER F 384 -35.69 -11.82 -14.40
C SER F 384 -34.64 -11.54 -15.46
N VAL F 385 -34.98 -10.75 -16.48
CA VAL F 385 -34.01 -10.46 -17.53
C VAL F 385 -32.86 -9.64 -16.97
N LEU F 386 -33.16 -8.73 -16.03
CA LEU F 386 -32.12 -7.96 -15.38
C LEU F 386 -31.18 -8.85 -14.58
N TYR F 387 -31.73 -9.86 -13.89
CA TYR F 387 -30.90 -10.72 -13.07
C TYR F 387 -30.03 -11.65 -13.91
N ASN F 388 -30.63 -12.33 -14.88
CA ASN F 388 -29.86 -13.33 -15.63
C ASN F 388 -28.96 -12.70 -16.70
N LEU F 389 -29.38 -11.61 -17.33
CA LEU F 389 -28.64 -11.09 -18.47
C LEU F 389 -27.62 -10.01 -18.12
N ALA F 390 -27.92 -9.13 -17.17
CA ALA F 390 -26.99 -8.05 -16.85
C ALA F 390 -25.90 -8.55 -15.91
N PRO F 391 -24.63 -8.48 -16.31
CA PRO F 391 -23.50 -8.97 -15.48
C PRO F 391 -23.02 -7.98 -14.42
N PHE F 392 -23.69 -7.98 -13.29
CA PHE F 392 -23.27 -7.15 -12.17
C PHE F 392 -22.22 -7.86 -11.32
N PHE F 393 -21.53 -7.08 -10.50
CA PHE F 393 -20.57 -7.64 -9.55
C PHE F 393 -21.25 -8.30 -8.36
N THR F 394 -22.44 -7.84 -7.99
CA THR F 394 -23.14 -8.35 -6.82
C THR F 394 -24.63 -8.16 -7.01
N PHE F 395 -25.40 -9.23 -6.80
CA PHE F 395 -26.86 -9.17 -6.86
C PHE F 395 -27.38 -10.06 -5.73
N LYS F 396 -27.59 -9.45 -4.56
CA LYS F 396 -28.00 -10.17 -3.37
C LYS F 396 -29.39 -9.71 -2.96
N CYS F 397 -30.29 -10.66 -2.76
CA CYS F 397 -31.64 -10.40 -2.27
C CYS F 397 -31.82 -11.05 -0.92
N TYR F 398 -32.48 -10.35 0.00
CA TYR F 398 -32.58 -10.79 1.38
C TYR F 398 -33.96 -11.23 1.78
N GLY F 399 -35.00 -10.46 1.46
CA GLY F 399 -36.35 -10.86 1.75
C GLY F 399 -37.05 -11.61 0.64
N VAL F 400 -36.46 -11.66 -0.56
CA VAL F 400 -37.07 -12.28 -1.72
C VAL F 400 -36.03 -13.13 -2.43
N SER F 401 -36.48 -13.85 -3.45
CA SER F 401 -35.60 -14.65 -4.29
C SER F 401 -35.47 -13.98 -5.65
N PRO F 402 -34.24 -13.77 -6.14
CA PRO F 402 -34.06 -13.03 -7.40
C PRO F 402 -34.73 -13.69 -8.59
N THR F 403 -34.79 -15.02 -8.61
CA THR F 403 -35.29 -15.74 -9.77
C THR F 403 -36.82 -15.82 -9.81
N LYS F 404 -37.51 -15.35 -8.78
CA LYS F 404 -38.96 -15.43 -8.72
C LYS F 404 -39.57 -14.09 -8.30
N LEU F 405 -38.92 -13.00 -8.69
CA LEU F 405 -39.45 -11.67 -8.36
C LEU F 405 -40.62 -11.26 -9.24
N ASN F 406 -40.84 -11.95 -10.36
CA ASN F 406 -41.85 -11.52 -11.31
C ASN F 406 -43.27 -11.80 -10.84
N ASP F 407 -43.47 -12.83 -10.01
CA ASP F 407 -44.82 -13.19 -9.61
C ASP F 407 -45.37 -12.36 -8.47
N LEU F 408 -44.54 -11.58 -7.76
CA LEU F 408 -45.06 -10.73 -6.70
C LEU F 408 -45.35 -9.33 -7.23
N CYS F 409 -46.25 -8.65 -6.53
CA CYS F 409 -46.55 -7.24 -6.80
C CYS F 409 -46.53 -6.46 -5.48
N PHE F 410 -46.09 -5.22 -5.57
CA PHE F 410 -45.89 -4.37 -4.41
C PHE F 410 -46.55 -3.01 -4.65
N THR F 411 -46.90 -2.34 -3.56
CA THR F 411 -47.52 -1.02 -3.67
C THR F 411 -46.56 0.02 -4.25
N ASN F 412 -45.27 -0.07 -3.93
CA ASN F 412 -44.29 0.85 -4.48
C ASN F 412 -42.91 0.22 -4.38
N VAL F 413 -42.00 0.69 -5.22
CA VAL F 413 -40.61 0.22 -5.26
C VAL F 413 -39.70 1.44 -5.22
N TYR F 414 -38.68 1.38 -4.38
CA TYR F 414 -37.72 2.47 -4.23
C TYR F 414 -36.35 1.99 -4.65
N ALA F 415 -35.68 2.77 -5.48
CA ALA F 415 -34.34 2.45 -5.96
C ALA F 415 -33.38 3.52 -5.47
N ASP F 416 -32.41 3.13 -4.66
CA ASP F 416 -31.42 4.02 -4.09
C ASP F 416 -30.06 3.78 -4.72
N SER F 417 -29.43 4.86 -5.18
CA SER F 417 -28.17 4.76 -5.91
C SER F 417 -27.13 5.66 -5.28
N PHE F 418 -25.91 5.15 -5.16
CA PHE F 418 -24.78 5.88 -4.58
C PHE F 418 -23.49 5.16 -4.95
N VAL F 419 -22.37 5.83 -4.69
CA VAL F 419 -21.04 5.29 -4.97
C VAL F 419 -20.28 5.15 -3.66
N ILE F 420 -19.69 3.97 -3.45
CA ILE F 420 -18.95 3.68 -2.24
C ILE F 420 -17.64 2.97 -2.59
N ARG F 421 -16.84 2.72 -1.56
CA ARG F 421 -15.56 2.06 -1.72
C ARG F 421 -15.75 0.58 -2.00
N GLY F 422 -14.68 -0.07 -2.48
CA GLY F 422 -14.80 -1.46 -2.89
C GLY F 422 -15.13 -2.40 -1.75
N ASP F 423 -14.36 -2.33 -0.66
CA ASP F 423 -14.61 -3.17 0.51
C ASP F 423 -15.73 -2.63 1.38
N GLU F 424 -16.28 -1.48 1.01
CA GLU F 424 -17.38 -0.83 1.71
C GLU F 424 -18.72 -1.32 1.21
N VAL F 425 -18.74 -2.18 0.21
CA VAL F 425 -19.98 -2.79 -0.27
C VAL F 425 -20.45 -3.86 0.70
N ARG F 426 -19.55 -4.35 1.55
CA ARG F 426 -19.89 -5.40 2.50
C ARG F 426 -21.02 -4.96 3.43
N GLN F 427 -20.99 -3.72 3.88
CA GLN F 427 -21.92 -3.23 4.89
C GLN F 427 -23.20 -2.65 4.30
N ILE F 428 -23.44 -2.85 3.01
CA ILE F 428 -24.77 -2.59 2.45
C ILE F 428 -25.57 -3.88 2.57
N ALA F 429 -26.13 -4.12 3.74
CA ALA F 429 -26.84 -5.36 4.04
C ALA F 429 -27.50 -5.21 5.40
N PRO F 430 -28.56 -5.98 5.67
CA PRO F 430 -29.20 -5.90 6.98
C PRO F 430 -28.26 -6.33 8.09
N GLY F 431 -28.34 -5.61 9.22
CA GLY F 431 -27.57 -5.99 10.39
C GLY F 431 -26.10 -5.66 10.35
N GLN F 432 -25.64 -4.91 9.34
CA GLN F 432 -24.23 -4.59 9.21
C GLN F 432 -23.89 -3.33 9.99
N THR F 433 -22.64 -3.26 10.44
CA THR F 433 -22.14 -2.13 11.20
C THR F 433 -20.85 -1.63 10.58
N GLY F 434 -20.77 -0.32 10.39
CA GLY F 434 -19.61 0.30 9.80
C GLY F 434 -19.90 1.76 9.51
N ASN F 435 -18.86 2.47 9.07
CA ASN F 435 -18.98 3.90 8.83
C ASN F 435 -20.15 4.21 7.90
N ILE F 436 -20.28 3.46 6.80
CA ILE F 436 -21.42 3.63 5.91
C ILE F 436 -22.72 3.28 6.62
N ALA F 437 -22.73 2.18 7.38
CA ALA F 437 -23.95 1.75 8.03
C ALA F 437 -24.40 2.75 9.10
N ASP F 438 -23.49 3.18 9.97
CA ASP F 438 -23.89 4.09 11.04
C ASP F 438 -24.14 5.51 10.54
N TYR F 439 -23.27 6.04 9.68
CA TYR F 439 -23.28 7.45 9.39
C TYR F 439 -23.80 7.81 8.00
N ASN F 440 -23.85 6.86 7.06
CA ASN F 440 -24.17 7.20 5.69
C ASN F 440 -25.48 6.59 5.21
N TYR F 441 -25.63 5.27 5.28
CA TYR F 441 -26.81 4.61 4.70
C TYR F 441 -27.11 3.36 5.52
N LYS F 442 -28.05 3.49 6.46
CA LYS F 442 -28.46 2.37 7.30
C LYS F 442 -29.60 1.63 6.63
N LEU F 443 -29.50 0.31 6.61
CA LEU F 443 -30.46 -0.60 6.01
C LEU F 443 -31.20 -1.39 7.08
N PRO F 444 -32.52 -1.51 6.99
CA PRO F 444 -33.28 -2.15 8.07
C PRO F 444 -32.89 -3.61 8.26
N ASP F 445 -33.01 -4.07 9.50
CA ASP F 445 -32.73 -5.46 9.83
C ASP F 445 -33.70 -6.43 9.19
N ASP F 446 -34.89 -5.96 8.80
CA ASP F 446 -35.88 -6.77 8.12
C ASP F 446 -35.99 -6.42 6.63
N PHE F 447 -34.89 -5.98 6.03
CA PHE F 447 -34.91 -5.53 4.64
C PHE F 447 -35.38 -6.64 3.72
N THR F 448 -36.24 -6.28 2.76
CA THR F 448 -36.90 -7.28 1.92
C THR F 448 -36.43 -7.25 0.48
N GLY F 449 -35.74 -6.20 0.06
CA GLY F 449 -35.39 -6.04 -1.34
C GLY F 449 -34.08 -6.68 -1.75
N CYS F 450 -33.42 -6.10 -2.74
CA CYS F 450 -32.18 -6.62 -3.29
C CYS F 450 -31.12 -5.53 -3.34
N VAL F 451 -29.86 -5.96 -3.32
CA VAL F 451 -28.71 -5.06 -3.38
C VAL F 451 -27.90 -5.40 -4.62
N ILE F 452 -27.67 -4.41 -5.47
CA ILE F 452 -26.98 -4.59 -6.74
C ILE F 452 -25.78 -3.64 -6.77
N ALA F 453 -24.62 -4.16 -7.14
CA ALA F 453 -23.41 -3.35 -7.21
C ALA F 453 -22.56 -3.80 -8.38
N TRP F 454 -21.83 -2.85 -8.95
CA TRP F 454 -20.89 -3.16 -10.03
C TRP F 454 -19.75 -2.16 -10.00
N ASN F 455 -18.56 -2.62 -10.39
CA ASN F 455 -17.38 -1.77 -10.37
C ASN F 455 -17.49 -0.68 -11.43
N SER F 456 -17.15 0.54 -11.06
CA SER F 456 -17.18 1.68 -11.98
C SER F 456 -15.85 2.42 -11.99
N ASN F 457 -14.73 1.67 -12.01
CA ASN F 457 -13.43 2.30 -12.06
C ASN F 457 -13.17 2.97 -13.41
N LYS F 458 -13.93 2.62 -14.45
CA LYS F 458 -13.74 3.22 -15.75
C LYS F 458 -14.41 4.58 -15.88
N LEU F 459 -15.33 4.91 -14.98
CA LEU F 459 -16.11 6.14 -15.09
C LEU F 459 -15.88 7.09 -13.92
N ASP F 460 -15.82 6.57 -12.70
CA ASP F 460 -15.76 7.39 -11.50
C ASP F 460 -14.33 7.60 -11.00
N SER F 461 -13.33 7.21 -11.77
CA SER F 461 -11.95 7.28 -11.33
C SER F 461 -11.16 8.23 -12.21
N LYS F 462 -10.24 8.99 -11.60
CA LYS F 462 -9.42 9.95 -12.32
C LYS F 462 -7.98 9.83 -11.85
N VAL F 463 -7.04 10.22 -12.71
CA VAL F 463 -5.63 10.16 -12.36
C VAL F 463 -5.31 11.13 -11.23
N SER F 464 -5.88 12.33 -11.25
CA SER F 464 -5.67 13.30 -10.19
C SER F 464 -6.48 12.99 -8.95
N GLY F 465 -7.42 12.06 -9.01
CA GLY F 465 -8.28 11.77 -7.89
C GLY F 465 -9.64 12.43 -8.03
N ASN F 466 -10.70 11.62 -8.01
CA ASN F 466 -12.06 12.13 -8.17
C ASN F 466 -12.58 12.53 -6.80
N TYR F 467 -12.50 13.84 -6.51
CA TYR F 467 -12.99 14.37 -5.24
C TYR F 467 -14.47 14.73 -5.28
N ASN F 468 -15.21 14.26 -6.28
CA ASN F 468 -16.63 14.56 -6.37
C ASN F 468 -17.47 13.69 -5.44
N TYR F 469 -16.89 12.63 -4.88
CA TYR F 469 -17.61 11.68 -4.04
C TYR F 469 -17.15 11.82 -2.60
N LEU F 470 -18.10 12.08 -1.71
CA LEU F 470 -17.83 12.27 -0.29
C LEU F 470 -18.61 11.25 0.53
N TYR F 471 -18.15 11.02 1.75
CA TYR F 471 -18.85 10.16 2.68
C TYR F 471 -18.79 10.76 4.08
N ARG F 472 -19.91 10.67 4.80
CA ARG F 472 -19.97 11.17 6.17
C ARG F 472 -19.02 10.37 7.05
N LEU F 473 -18.13 11.07 7.75
CA LEU F 473 -17.11 10.42 8.57
C LEU F 473 -17.36 10.57 10.07
N PHE F 474 -17.95 11.69 10.48
CA PHE F 474 -18.24 11.95 11.88
C PHE F 474 -19.72 12.29 12.03
N ARG F 475 -20.34 11.71 13.07
CA ARG F 475 -21.73 12.02 13.36
C ARG F 475 -21.98 11.82 14.85
N LYS F 476 -23.02 12.48 15.35
CA LYS F 476 -23.32 12.39 16.77
C LYS F 476 -23.96 11.05 17.13
N SER F 477 -24.73 10.47 16.22
CA SER F 477 -25.40 9.20 16.49
C SER F 477 -25.65 8.48 15.18
N ASN F 478 -25.90 7.18 15.29
CA ASN F 478 -26.15 6.36 14.11
C ASN F 478 -27.47 6.75 13.46
N LEU F 479 -27.57 6.51 12.16
CA LEU F 479 -28.78 6.85 11.44
C LEU F 479 -29.90 5.84 11.70
N LYS F 480 -31.13 6.32 11.63
CA LYS F 480 -32.27 5.42 11.52
C LYS F 480 -32.26 4.80 10.12
N PRO F 481 -32.95 3.67 9.95
CA PRO F 481 -33.03 3.07 8.60
C PRO F 481 -33.64 4.05 7.60
N PHE F 482 -33.05 4.10 6.41
CA PHE F 482 -33.53 4.92 5.29
C PHE F 482 -33.62 6.40 5.67
N GLU F 483 -32.63 6.91 6.38
CA GLU F 483 -32.53 8.33 6.64
C GLU F 483 -31.15 8.85 6.20
N ARG F 484 -31.13 10.08 5.72
CA ARG F 484 -29.91 10.68 5.18
C ARG F 484 -29.73 12.08 5.74
N ASP F 485 -28.46 12.50 5.83
CA ASP F 485 -28.11 13.84 6.30
C ASP F 485 -27.39 14.57 5.17
N ILE F 486 -28.05 15.61 4.65
CA ILE F 486 -27.42 16.47 3.66
C ILE F 486 -26.59 17.57 4.33
N SER F 487 -27.09 18.11 5.45
CA SER F 487 -26.42 19.24 6.10
C SER F 487 -25.02 18.85 6.55
N THR F 488 -24.07 19.73 6.32
CA THR F 488 -22.68 19.55 6.73
C THR F 488 -22.27 20.70 7.63
N GLU F 489 -22.08 20.41 8.91
CA GLU F 489 -21.64 21.40 9.88
C GLU F 489 -20.52 20.79 10.70
N ILE F 490 -19.69 21.68 11.26
CA ILE F 490 -18.48 21.24 11.94
C ILE F 490 -18.83 20.40 13.16
N TYR F 491 -18.14 19.27 13.30
CA TYR F 491 -18.46 18.28 14.33
C TYR F 491 -17.53 18.47 15.52
N GLN F 492 -18.11 18.50 16.71
CA GLN F 492 -17.35 18.76 17.94
C GLN F 492 -16.76 17.46 18.46
N ALA F 493 -15.43 17.35 18.40
CA ALA F 493 -14.75 16.30 19.13
C ALA F 493 -14.27 16.84 20.47
N GLY F 494 -14.05 15.93 21.41
CA GLY F 494 -13.68 16.42 22.73
C GLY F 494 -14.86 17.08 23.42
N ASN F 495 -14.55 18.11 24.21
CA ASN F 495 -15.57 18.81 24.98
C ASN F 495 -15.58 20.32 24.81
N LYS F 496 -14.65 20.89 24.06
CA LYS F 496 -14.63 22.34 23.87
C LYS F 496 -15.68 22.75 22.84
N PRO F 497 -16.52 23.74 23.17
CA PRO F 497 -17.49 24.23 22.19
C PRO F 497 -16.80 24.72 20.92
N CYS F 498 -17.49 24.55 19.80
CA CYS F 498 -16.98 24.90 18.49
C CYS F 498 -17.54 26.26 18.08
N ASN F 499 -16.73 27.04 17.36
CA ASN F 499 -17.15 28.35 16.89
C ASN F 499 -17.70 28.31 15.46
N GLY F 500 -17.87 27.13 14.89
CA GLY F 500 -18.38 27.02 13.54
C GLY F 500 -17.33 26.98 12.46
N VAL F 501 -16.06 26.81 12.83
CA VAL F 501 -14.96 26.74 11.86
C VAL F 501 -14.08 25.55 12.23
N ALA F 502 -13.44 24.96 11.23
CA ALA F 502 -12.55 23.83 11.48
C ALA F 502 -11.36 24.28 12.31
N GLY F 503 -10.97 23.43 13.26
CA GLY F 503 -9.90 23.77 14.17
C GLY F 503 -9.21 22.58 14.78
N PHE F 504 -8.90 22.64 16.07
CA PHE F 504 -8.17 21.56 16.73
C PHE F 504 -9.05 20.33 16.88
N ASN F 505 -10.11 20.41 17.68
CA ASN F 505 -11.01 19.28 17.89
C ASN F 505 -12.32 19.47 17.15
N CYS F 506 -12.33 20.29 16.12
CA CYS F 506 -13.51 20.53 15.29
C CYS F 506 -13.22 20.03 13.88
N TYR F 507 -14.04 19.11 13.40
CA TYR F 507 -13.79 18.44 12.13
C TYR F 507 -14.89 18.75 11.13
N PHE F 508 -14.52 18.77 9.86
CA PHE F 508 -15.51 18.79 8.79
C PHE F 508 -16.07 17.38 8.62
N PRO F 509 -17.39 17.19 8.71
CA PRO F 509 -17.93 15.84 8.74
C PRO F 509 -17.70 15.02 7.48
N LEU F 510 -17.61 15.65 6.32
CA LEU F 510 -17.56 14.94 5.05
C LEU F 510 -16.12 14.70 4.64
N ARG F 511 -15.72 13.44 4.55
CA ARG F 511 -14.42 13.04 4.06
C ARG F 511 -14.57 12.58 2.62
N SER F 512 -13.65 13.00 1.76
CA SER F 512 -13.79 12.75 0.34
C SER F 512 -13.05 11.50 -0.09
N TYR F 513 -13.69 10.70 -0.94
CA TYR F 513 -12.97 9.71 -1.69
C TYR F 513 -12.02 10.40 -2.67
N SER F 514 -10.96 9.70 -3.05
CA SER F 514 -9.98 10.25 -3.98
C SER F 514 -9.67 9.23 -5.06
N PHE F 515 -10.72 8.68 -5.67
CA PHE F 515 -10.60 7.51 -6.53
C PHE F 515 -9.56 7.73 -7.62
N ARG F 516 -8.59 6.82 -7.69
CA ARG F 516 -7.56 6.76 -8.70
C ARG F 516 -7.52 5.37 -9.33
N PRO F 517 -7.16 5.26 -10.60
CA PRO F 517 -7.21 3.94 -11.27
C PRO F 517 -6.25 2.92 -10.69
N THR F 518 -5.27 3.32 -9.90
CA THR F 518 -4.28 2.40 -9.36
C THR F 518 -4.54 2.02 -7.90
N TYR F 519 -5.71 2.35 -7.36
CA TYR F 519 -5.99 2.08 -5.95
C TYR F 519 -6.11 0.61 -5.62
N GLY F 520 -6.45 -0.24 -6.59
CA GLY F 520 -6.74 -1.62 -6.28
C GLY F 520 -8.21 -1.81 -5.99
N VAL F 521 -8.70 -3.05 -6.09
CA VAL F 521 -10.14 -3.28 -6.03
C VAL F 521 -10.70 -2.92 -4.67
N GLY F 522 -9.85 -2.84 -3.64
CA GLY F 522 -10.32 -2.49 -2.32
C GLY F 522 -10.86 -1.07 -2.24
N HIS F 523 -10.21 -0.14 -2.92
CA HIS F 523 -10.60 1.26 -2.86
C HIS F 523 -11.22 1.79 -4.14
N GLN F 524 -11.39 0.95 -5.16
CA GLN F 524 -11.99 1.40 -6.40
C GLN F 524 -13.47 1.72 -6.20
N PRO F 525 -14.01 2.68 -6.94
CA PRO F 525 -15.42 3.04 -6.77
C PRO F 525 -16.34 1.92 -7.18
N TYR F 526 -17.47 1.79 -6.48
CA TYR F 526 -18.50 0.83 -6.80
C TYR F 526 -19.84 1.53 -6.82
N ARG F 527 -20.58 1.37 -7.92
CA ARG F 527 -21.91 1.93 -8.01
C ARG F 527 -22.94 0.92 -7.49
N VAL F 528 -23.72 1.35 -6.51
CA VAL F 528 -24.63 0.47 -5.79
C VAL F 528 -26.06 0.92 -6.02
N VAL F 529 -26.94 -0.03 -6.36
CA VAL F 529 -28.37 0.21 -6.50
C VAL F 529 -29.08 -0.71 -5.51
N VAL F 530 -29.92 -0.14 -4.66
CA VAL F 530 -30.65 -0.88 -3.65
C VAL F 530 -32.13 -0.77 -3.96
N LEU F 531 -32.80 -1.90 -4.14
CA LEU F 531 -34.20 -1.95 -4.48
C LEU F 531 -35.00 -2.32 -3.23
N SER F 532 -35.97 -1.50 -2.86
CA SER F 532 -36.82 -1.74 -1.70
C SER F 532 -38.25 -1.94 -2.19
N PHE F 533 -38.87 -3.04 -1.77
CA PHE F 533 -40.20 -3.40 -2.25
C PHE F 533 -41.29 -3.09 -1.23
N ALA F 540 -50.35 -2.71 -5.50
CA ALA F 540 -49.95 -3.67 -6.52
C ALA F 540 -49.77 -3.00 -7.87
N THR F 541 -49.22 -1.79 -7.86
CA THR F 541 -49.01 -1.05 -9.09
C THR F 541 -47.76 -1.48 -9.84
N VAL F 542 -46.92 -2.33 -9.23
CA VAL F 542 -45.71 -2.84 -9.87
C VAL F 542 -45.81 -4.36 -9.91
N CYS F 543 -45.84 -4.91 -11.12
CA CYS F 543 -45.91 -6.36 -11.29
C CYS F 543 -44.89 -6.78 -12.34
N GLY F 544 -44.71 -8.09 -12.48
CA GLY F 544 -43.76 -8.63 -13.43
C GLY F 544 -44.38 -9.06 -14.74
#